data_9II8
#
_entry.id   9II8
#
_cell.length_a   229.170
_cell.length_b   229.170
_cell.length_c   128.030
_cell.angle_alpha   90.000
_cell.angle_beta   90.000
_cell.angle_gamma   90.000
#
_symmetry.space_group_name_H-M   'I 4 2 2'
#
loop_
_entity.id
_entity.type
_entity.pdbx_description
1 polymer "DNA (5'-D(P*TP*TP*TP*T)-3')"
2 polymer "3'-5' exonuclease DinG"
#
loop_
_entity_poly.entity_id
_entity_poly.type
_entity_poly.pdbx_seq_one_letter_code
_entity_poly.pdbx_strand_id
1 'polydeoxyribonucleotide' (DT)(DT)(DT)(DT) B
2 'polypeptide(L)'
;MGMATYAVVDLETTGNQLDFDDIIQIGITFVRNNQIIDTYHSMIRTNLEIPPFIQALTSIEENMLQQAPYFNQVAQEIYD
KIKDCIFVAHNVDFDLNFIKKAFKDCNIQYRPKKVIDTLEIFKIAFPTDKSYQLSELAEAHGITLANAHRADEDAATTAK
LMILAFEKFEKLPLDTLKQLYYLSKQLKYDLYDIFFEMVRQYDAKPLDKFYEKFEQIIYRKQVDFKKPTTNYNGSLKSLY
RKAVDQLGLTYRPQQLYLAETILDQLMHSEKAMIEASLGSGKSLAYLLAALMYNIETGKHVMISTNTKLLQSQLLEKDIP
AMNEALNFKINALLIKSKSDYISLGLISQILKDDTSNYEVNILKMQLLIWITETPSGDIQELNLKGGQKMYFDQKIETYV
PARHDVHYYNFIKRNAQNIQIGITNHAHLIHSDVENSIYQLFDDCIVDEAHRLPDYALNQVTNELSYADIKYQLGLIGKN
ENEKLLKAIDQLEKQRILEKLDIAPIDIFGLKASMNEIHELNEQLFSTIFTIINDSDVYDDDIHRFHNVFTFETKDILKD
LHAIIDKLNKTLEIFNGISHKTVKSLRKQLLYLKDKFKNIEQSLKAGHTSFISIKNLSQKSTIRLYVKDYAVKDVLTKQV
LEKFKSLIFISGTLKFNHSFEAFKQLFNKDVHFNTFEVNTSLQSAKNTSVFIPSDVASYQYKNIDEYVASIVSYIIEYTT
ITSSKCLVLFTSYKMMHMVQDMLNELPEFEDYVVLTQQQNQNYKIVQQFNNFDKAILLGTSTFFEGFDFQANGIKCVMIA
KLPFMNKHNAKYWLMDSEFTSTFKEYVLPDAVTRFRQGLGRLIRNENDRGIIVSFDDRLINSNYKNFFEQTLENYRQKKG
DIQQFGKLLRQIQKKKK
;
A
#
loop_
_chem_comp.id
_chem_comp.type
_chem_comp.name
_chem_comp.formula
DT DNA linking THYMIDINE-5'-MONOPHOSPHATE 'C10 H15 N2 O8 P'
#
# COMPACT_ATOMS: atom_id res chain seq x y z
N MET B 1 47.54 -4.10 13.06
CA MET B 1 46.86 -4.32 11.80
C MET B 1 46.64 -3.01 11.05
N GLY B 2 47.08 -2.96 9.80
CA GLY B 2 46.73 -1.82 8.96
C GLY B 2 45.23 -1.73 8.76
N MET B 3 44.71 -0.50 8.75
CA MET B 3 43.28 -0.31 8.62
C MET B 3 42.78 -0.87 7.29
N ALA B 4 41.64 -1.56 7.34
CA ALA B 4 41.13 -2.30 6.20
C ALA B 4 40.78 -1.38 5.04
N THR B 5 41.02 -1.88 3.82
CA THR B 5 40.66 -1.18 2.60
C THR B 5 39.49 -1.91 1.95
N TYR B 6 38.46 -1.16 1.57
CA TYR B 6 37.27 -1.70 0.94
C TYR B 6 37.38 -1.55 -0.57
N ALA B 7 37.20 -2.65 -1.29
CA ALA B 7 37.11 -2.63 -2.75
C ALA B 7 35.63 -2.72 -3.10
N VAL B 8 35.03 -1.57 -3.36
CA VAL B 8 33.61 -1.51 -3.75
C VAL B 8 33.54 -1.71 -5.25
N VAL B 9 32.95 -2.82 -5.67
CA VAL B 9 33.03 -3.29 -7.06
C VAL B 9 31.64 -3.26 -7.67
N ASP B 10 31.58 -2.93 -8.97
CA ASP B 10 30.37 -3.10 -9.76
C ASP B 10 30.76 -3.55 -11.17
N LEU B 11 29.87 -4.33 -11.76
CA LEU B 11 30.12 -4.94 -13.07
C LEU B 11 28.92 -4.73 -13.97
N GLU B 12 29.21 -4.48 -15.25
CA GLU B 12 28.22 -4.58 -16.32
C GLU B 12 28.59 -5.76 -17.21
N THR B 13 27.60 -6.58 -17.53
CA THR B 13 27.81 -7.83 -18.24
C THR B 13 26.89 -7.88 -19.46
N THR B 14 27.15 -8.85 -20.34
CA THR B 14 26.26 -9.09 -21.47
C THR B 14 24.95 -9.73 -21.05
N GLY B 15 24.81 -10.10 -19.79
CA GLY B 15 23.61 -10.76 -19.31
C GLY B 15 23.82 -11.25 -17.88
N ASN B 16 22.84 -11.99 -17.40
CA ASN B 16 22.80 -12.43 -16.00
C ASN B 16 23.15 -13.91 -15.83
N GLN B 17 23.56 -14.59 -16.90
CA GLN B 17 23.90 -16.02 -16.84
C GLN B 17 25.41 -16.14 -16.64
N LEU B 18 25.80 -16.71 -15.50
CA LEU B 18 27.21 -16.77 -15.14
C LEU B 18 28.02 -17.57 -16.16
N ASP B 19 27.45 -18.66 -16.68
CA ASP B 19 28.19 -19.54 -17.56
C ASP B 19 28.27 -19.05 -19.01
N PHE B 20 27.38 -18.13 -19.42
CA PHE B 20 27.31 -17.72 -20.81
C PHE B 20 27.66 -16.26 -21.07
N ASP B 21 27.69 -15.43 -20.04
CA ASP B 21 27.85 -13.99 -20.22
C ASP B 21 29.22 -13.53 -19.76
N ASP B 22 29.71 -12.48 -20.42
CA ASP B 22 31.02 -11.90 -20.13
C ASP B 22 30.86 -10.56 -19.42
N ILE B 23 31.91 -10.18 -18.68
CA ILE B 23 31.99 -8.84 -18.12
C ILE B 23 32.34 -7.86 -19.24
N ILE B 24 31.56 -6.79 -19.37
CA ILE B 24 31.85 -5.75 -20.34
C ILE B 24 32.31 -4.44 -19.70
N GLN B 25 32.08 -4.25 -18.42
CA GLN B 25 32.64 -3.07 -17.74
C GLN B 25 32.86 -3.39 -16.27
N ILE B 26 34.00 -2.94 -15.73
CA ILE B 26 34.30 -3.11 -14.32
C ILE B 26 34.63 -1.75 -13.72
N GLY B 27 34.03 -1.45 -12.57
CA GLY B 27 34.38 -0.28 -11.81
C GLY B 27 34.64 -0.64 -10.35
N ILE B 28 35.69 -0.04 -9.80
CA ILE B 28 36.12 -0.32 -8.43
C ILE B 28 36.44 1.01 -7.76
N THR B 29 35.93 1.21 -6.54
CA THR B 29 36.24 2.37 -5.73
C THR B 29 36.80 1.89 -4.40
N PHE B 30 37.99 2.36 -4.06
CA PHE B 30 38.69 1.93 -2.85
C PHE B 30 38.43 2.93 -1.73
N VAL B 31 37.95 2.41 -0.60
CA VAL B 31 37.58 3.23 0.55
C VAL B 31 38.47 2.84 1.73
N ARG B 32 38.97 3.86 2.43
CA ARG B 32 39.76 3.66 3.64
C ARG B 32 39.51 4.83 4.57
N ASN B 33 39.21 4.52 5.83
CA ASN B 33 38.93 5.52 6.86
C ASN B 33 37.76 6.41 6.45
N ASN B 34 36.71 5.78 5.92
CA ASN B 34 35.50 6.48 5.48
C ASN B 34 35.79 7.58 4.47
N GLN B 35 36.75 7.30 3.58
CA GLN B 35 37.17 8.23 2.54
C GLN B 35 37.55 7.46 1.29
N ILE B 36 37.12 7.95 0.14
CA ILE B 36 37.51 7.36 -1.14
C ILE B 36 38.96 7.76 -1.42
N ILE B 37 39.82 6.76 -1.58
CA ILE B 37 41.25 6.99 -1.76
C ILE B 37 41.73 6.73 -3.19
N ASP B 38 41.00 5.93 -3.96
CA ASP B 38 41.44 5.57 -5.31
C ASP B 38 40.26 4.96 -6.06
N THR B 39 40.36 4.98 -7.39
CA THR B 39 39.37 4.34 -8.25
C THR B 39 40.07 3.64 -9.41
N TYR B 40 39.44 2.58 -9.89
CA TYR B 40 39.87 1.82 -11.05
C TYR B 40 38.66 1.58 -11.93
N HIS B 41 38.83 1.71 -13.23
CA HIS B 41 37.73 1.49 -14.16
C HIS B 41 38.30 0.90 -15.44
N SER B 42 37.54 0.02 -16.08
CA SER B 42 37.97 -0.55 -17.34
C SER B 42 36.78 -1.09 -18.10
N MET B 43 36.64 -0.65 -19.35
CA MET B 43 35.80 -1.37 -20.30
C MET B 43 36.48 -2.68 -20.66
N ILE B 44 35.68 -3.74 -20.80
CA ILE B 44 36.21 -5.06 -21.08
C ILE B 44 35.66 -5.50 -22.43
N ARG B 45 36.56 -6.02 -23.28
CA ARG B 45 36.16 -6.43 -24.63
C ARG B 45 35.68 -7.88 -24.61
N THR B 46 34.54 -8.11 -25.27
CA THR B 46 33.97 -9.45 -25.41
C THR B 46 33.76 -9.77 -26.89
N ASN B 47 33.68 -11.06 -27.18
CA ASN B 47 33.37 -11.55 -28.52
C ASN B 47 31.89 -11.87 -28.68
N LEU B 48 31.09 -11.64 -27.65
CA LEU B 48 29.65 -11.90 -27.69
C LEU B 48 28.89 -10.67 -28.16
N GLU B 49 27.77 -10.91 -28.83
CA GLU B 49 26.87 -9.83 -29.20
C GLU B 49 26.13 -9.33 -27.97
N ILE B 50 26.12 -8.01 -27.78
CA ILE B 50 25.45 -7.39 -26.64
C ILE B 50 23.97 -7.25 -26.99
N PRO B 51 23.06 -7.88 -26.25
CA PRO B 51 21.63 -7.76 -26.57
C PRO B 51 21.17 -6.32 -26.45
N PRO B 52 20.25 -5.89 -27.32
CA PRO B 52 19.81 -4.48 -27.29
C PRO B 52 19.25 -4.04 -25.95
N PHE B 53 18.65 -4.96 -25.19
CA PHE B 53 18.17 -4.61 -23.85
C PHE B 53 19.33 -4.23 -22.94
N ILE B 54 20.45 -4.94 -23.03
CA ILE B 54 21.61 -4.61 -22.22
C ILE B 54 22.24 -3.30 -22.68
N GLN B 55 22.24 -3.05 -23.99
CA GLN B 55 22.75 -1.78 -24.50
C GLN B 55 21.90 -0.62 -24.00
N ALA B 56 20.58 -0.82 -23.92
CA ALA B 56 19.70 0.23 -23.43
C ALA B 56 19.82 0.40 -21.93
N LEU B 57 20.15 -0.66 -21.20
CA LEU B 57 20.27 -0.59 -19.75
C LEU B 57 21.59 0.05 -19.33
N THR B 58 22.69 -0.28 -20.00
CA THR B 58 24.01 0.16 -19.60
C THR B 58 24.57 1.30 -20.44
N SER B 59 23.94 1.62 -21.57
CA SER B 59 24.42 2.64 -22.50
C SER B 59 25.77 2.28 -23.09
N ILE B 60 26.08 0.99 -23.14
CA ILE B 60 27.33 0.48 -23.70
C ILE B 60 27.05 -0.12 -25.07
N GLU B 61 27.61 0.48 -26.10
CA GLU B 61 27.52 -0.02 -27.46
C GLU B 61 28.75 -0.86 -27.78
N GLU B 62 28.62 -1.70 -28.81
CA GLU B 62 29.72 -2.59 -29.19
C GLU B 62 30.94 -1.79 -29.65
N ASN B 63 30.71 -0.67 -30.34
CA ASN B 63 31.81 0.14 -30.85
C ASN B 63 32.68 0.69 -29.72
N MET B 64 32.09 0.86 -28.53
CA MET B 64 32.86 1.33 -27.38
C MET B 64 33.85 0.30 -26.87
N LEU B 65 33.63 -0.98 -27.17
CA LEU B 65 34.45 -2.05 -26.63
C LEU B 65 35.57 -2.50 -27.57
N GLN B 66 35.67 -1.90 -28.76
CA GLN B 66 36.66 -2.35 -29.73
C GLN B 66 38.08 -1.99 -29.29
N GLN B 67 38.25 -0.87 -28.59
CA GLN B 67 39.56 -0.46 -28.09
C GLN B 67 39.80 -0.89 -26.64
N ALA B 68 38.83 -1.60 -26.07
CA ALA B 68 38.93 -2.07 -24.67
C ALA B 68 39.72 -3.37 -24.62
N PRO B 69 40.42 -3.68 -23.51
CA PRO B 69 41.16 -4.93 -23.40
C PRO B 69 40.31 -6.10 -22.93
N TYR B 70 40.79 -7.32 -23.18
CA TYR B 70 40.07 -8.52 -22.68
C TYR B 70 40.37 -8.66 -21.19
N PHE B 71 39.63 -9.52 -20.49
CA PHE B 71 39.81 -9.63 -19.01
C PHE B 71 41.22 -10.12 -18.68
N ASN B 72 41.75 -11.07 -19.44
CA ASN B 72 43.07 -11.67 -19.10
C ASN B 72 44.07 -10.59 -18.68
N GLN B 73 44.28 -9.58 -19.53
CA GLN B 73 45.30 -8.54 -19.24
C GLN B 73 44.98 -7.85 -17.91
N VAL B 74 43.80 -7.23 -17.81
CA VAL B 74 43.43 -6.47 -16.58
C VAL B 74 43.39 -7.45 -15.39
N ALA B 75 43.00 -8.70 -15.63
CA ALA B 75 42.86 -9.67 -14.52
C ALA B 75 44.12 -9.66 -13.66
N GLN B 76 45.28 -9.78 -14.30
CA GLN B 76 46.55 -9.84 -13.53
C GLN B 76 46.69 -8.56 -12.71
N GLU B 77 46.45 -7.40 -13.34
CA GLU B 77 46.63 -6.11 -12.64
C GLU B 77 45.58 -5.94 -11.53
N ILE B 78 44.31 -6.19 -11.83
CA ILE B 78 43.22 -5.95 -10.85
C ILE B 78 43.45 -6.81 -9.59
N TYR B 79 43.75 -8.10 -9.75
CA TYR B 79 43.87 -9.00 -8.58
C TYR B 79 44.80 -8.39 -7.53
N ASP B 80 45.93 -7.82 -7.98
CA ASP B 80 46.94 -7.29 -7.00
C ASP B 80 46.29 -6.25 -6.08
N LYS B 81 45.44 -5.39 -6.63
CA LYS B 81 44.84 -4.29 -5.81
C LYS B 81 43.80 -4.83 -4.83
N ILE B 82 42.96 -5.78 -5.25
CA ILE B 82 41.83 -6.23 -4.37
C ILE B 82 42.22 -7.49 -3.58
N LYS B 83 43.38 -8.11 -3.86
CA LYS B 83 43.72 -9.38 -3.18
C LYS B 83 43.84 -9.15 -1.67
N ASP B 84 44.03 -7.88 -1.26
CA ASP B 84 44.16 -7.56 0.19
C ASP B 84 43.11 -6.51 0.57
N CYS B 85 42.03 -6.41 -0.22
CA CYS B 85 40.95 -5.42 0.08
C CYS B 85 39.62 -6.16 0.30
N ILE B 86 38.86 -5.75 1.33
CA ILE B 86 37.54 -6.39 1.63
C ILE B 86 36.64 -6.23 0.40
N PHE B 87 36.04 -7.33 -0.08
CA PHE B 87 35.22 -7.25 -1.28
C PHE B 87 33.82 -6.75 -0.93
N VAL B 88 33.40 -5.67 -1.58
CA VAL B 88 32.12 -5.03 -1.31
C VAL B 88 31.38 -4.88 -2.64
N ALA B 89 30.05 -4.99 -2.58
CA ALA B 89 29.21 -4.79 -3.76
C ALA B 89 27.75 -4.67 -3.33
N HIS B 90 26.92 -4.20 -4.25
CA HIS B 90 25.47 -4.11 -4.06
C HIS B 90 24.84 -5.39 -4.62
N ASN B 91 24.21 -6.18 -3.75
CA ASN B 91 23.82 -7.55 -4.10
C ASN B 91 25.04 -8.36 -4.54
N VAL B 92 25.92 -8.61 -3.56
CA VAL B 92 27.31 -8.98 -3.84
C VAL B 92 27.46 -10.33 -4.54
N ASP B 93 26.45 -11.20 -4.47
CA ASP B 93 26.56 -12.52 -5.11
C ASP B 93 26.90 -12.41 -6.59
N PHE B 94 26.20 -11.52 -7.29
CA PHE B 94 26.39 -11.26 -8.72
C PHE B 94 27.84 -10.94 -9.05
N ASP B 95 28.30 -9.78 -8.57
CA ASP B 95 29.64 -9.31 -8.87
C ASP B 95 30.72 -10.30 -8.44
N LEU B 96 30.59 -10.83 -7.22
CA LEU B 96 31.59 -11.74 -6.69
C LEU B 96 31.70 -13.00 -7.53
N ASN B 97 30.56 -13.55 -7.96
CA ASN B 97 30.59 -14.78 -8.74
C ASN B 97 31.13 -14.54 -10.14
N PHE B 98 30.73 -13.43 -10.77
CA PHE B 98 31.25 -13.12 -12.11
C PHE B 98 32.75 -12.89 -12.08
N ILE B 99 33.23 -12.14 -11.08
CA ILE B 99 34.67 -11.88 -10.97
C ILE B 99 35.42 -13.16 -10.66
N LYS B 100 34.85 -14.03 -9.81
CA LYS B 100 35.47 -15.31 -9.52
C LYS B 100 35.62 -16.16 -10.78
N LYS B 101 34.58 -16.22 -11.61
CA LYS B 101 34.66 -16.99 -12.84
C LYS B 101 35.69 -16.39 -13.79
N ALA B 102 35.64 -15.07 -13.99
CA ALA B 102 36.55 -14.43 -14.94
C ALA B 102 38.00 -14.58 -14.51
N PHE B 103 38.26 -14.53 -13.20
CA PHE B 103 39.60 -14.82 -12.69
C PHE B 103 39.97 -16.27 -12.93
N LYS B 104 39.04 -17.19 -12.69
CA LYS B 104 39.32 -18.61 -12.85
C LYS B 104 39.68 -18.95 -14.30
N ASP B 105 39.01 -18.32 -15.26
CA ASP B 105 39.34 -18.52 -16.67
C ASP B 105 40.71 -17.97 -17.02
N CYS B 106 41.25 -17.08 -16.19
CA CYS B 106 42.62 -16.59 -16.35
C CYS B 106 43.59 -17.28 -15.42
N ASN B 107 43.18 -18.43 -14.87
CA ASN B 107 44.04 -19.21 -13.94
C ASN B 107 44.32 -18.37 -12.69
N ILE B 108 43.29 -17.68 -12.17
CA ILE B 108 43.46 -16.86 -10.94
C ILE B 108 42.42 -17.32 -9.90
N GLN B 109 42.86 -17.61 -8.67
CA GLN B 109 41.93 -18.05 -7.60
C GLN B 109 41.68 -16.86 -6.65
N TYR B 110 40.53 -16.20 -6.79
CA TYR B 110 40.20 -15.05 -5.91
C TYR B 110 39.32 -15.55 -4.76
N ARG B 111 39.83 -15.48 -3.54
CA ARG B 111 39.03 -15.89 -2.36
C ARG B 111 39.11 -14.78 -1.29
N PRO B 112 38.37 -13.66 -1.44
CA PRO B 112 38.45 -12.58 -0.48
C PRO B 112 38.09 -13.11 0.89
N LYS B 113 38.96 -12.86 1.87
CA LYS B 113 38.73 -13.37 3.25
C LYS B 113 37.43 -12.76 3.81
N LYS B 114 37.21 -11.46 3.55
CA LYS B 114 36.00 -10.77 4.07
C LYS B 114 35.10 -10.35 2.90
N VAL B 115 33.81 -10.69 2.97
CA VAL B 115 32.84 -10.28 1.90
C VAL B 115 31.75 -9.41 2.54
N ILE B 116 31.31 -8.36 1.85
CA ILE B 116 30.28 -7.43 2.41
C ILE B 116 29.18 -7.20 1.36
N ASP B 117 27.92 -7.18 1.78
CA ASP B 117 26.81 -6.85 0.82
C ASP B 117 26.19 -5.53 1.25
N THR B 118 26.31 -4.50 0.42
CA THR B 118 25.76 -3.17 0.78
C THR B 118 24.27 -3.30 0.95
N LEU B 119 23.62 -4.16 0.16
CA LEU B 119 22.17 -4.23 0.26
C LEU B 119 21.73 -4.51 1.69
N GLU B 120 22.40 -5.46 2.36
CA GLU B 120 22.15 -5.68 3.77
C GLU B 120 22.44 -4.42 4.59
N ILE B 121 23.58 -3.78 4.31
CA ILE B 121 23.98 -2.59 5.05
C ILE B 121 22.94 -1.49 4.89
N PHE B 122 22.43 -1.30 3.67
CA PHE B 122 21.48 -0.22 3.42
C PHE B 122 20.12 -0.54 4.03
N LYS B 123 19.78 -1.82 4.05
CA LYS B 123 18.51 -2.22 4.71
C LYS B 123 18.61 -1.84 6.18
N ILE B 124 19.72 -2.20 6.82
CA ILE B 124 19.86 -1.93 8.29
C ILE B 124 20.04 -0.43 8.51
N ALA B 125 20.99 0.19 7.81
CA ALA B 125 21.30 1.62 8.05
C ALA B 125 20.14 2.52 7.65
N PHE B 126 19.46 2.20 6.55
CA PHE B 126 18.39 3.09 6.05
C PHE B 126 17.06 2.36 6.00
N PRO B 127 16.43 2.03 7.15
CA PRO B 127 15.22 1.24 7.12
C PRO B 127 14.05 2.03 6.58
N THR B 128 13.98 3.33 6.90
CA THR B 128 12.81 4.11 6.50
C THR B 128 12.73 4.34 4.99
N ASP B 129 13.77 3.98 4.25
CA ASP B 129 13.77 4.25 2.81
C ASP B 129 12.83 3.32 2.07
N LYS B 130 12.07 3.90 1.13
CA LYS B 130 11.07 3.15 0.38
C LYS B 130 11.69 2.18 -0.63
N SER B 131 12.95 2.40 -1.00
CA SER B 131 13.62 1.53 -1.96
C SER B 131 15.10 1.45 -1.66
N TYR B 132 15.69 0.30 -1.99
CA TYR B 132 17.12 0.08 -1.86
C TYR B 132 17.79 -0.11 -3.21
N GLN B 133 17.10 0.26 -4.29
CA GLN B 133 17.77 0.42 -5.58
C GLN B 133 18.73 1.59 -5.50
N LEU B 134 19.89 1.46 -6.16
CA LEU B 134 20.98 2.40 -5.89
C LEU B 134 20.62 3.83 -6.29
N SER B 135 19.99 4.01 -7.45
CA SER B 135 19.67 5.36 -7.91
C SER B 135 18.68 6.04 -6.96
N GLU B 136 17.58 5.37 -6.64
CA GLU B 136 16.57 5.97 -5.77
C GLU B 136 17.09 6.16 -4.35
N LEU B 137 18.02 5.32 -3.91
CA LEU B 137 18.62 5.51 -2.60
C LEU B 137 19.59 6.67 -2.58
N ALA B 138 20.38 6.82 -3.66
CA ALA B 138 21.34 7.92 -3.75
C ALA B 138 20.63 9.25 -3.84
N GLU B 139 19.58 9.31 -4.65
CA GLU B 139 18.82 10.59 -4.68
C GLU B 139 18.13 10.75 -3.33
N ALA B 140 17.89 9.62 -2.66
CA ALA B 140 17.19 9.62 -1.36
C ALA B 140 18.03 10.41 -0.36
N HIS B 141 19.35 10.14 -0.32
CA HIS B 141 20.20 10.79 0.72
C HIS B 141 21.15 11.79 0.07
N GLY B 142 20.65 12.59 -0.87
CA GLY B 142 21.48 13.66 -1.47
C GLY B 142 22.83 13.18 -1.94
N ILE B 143 22.89 12.08 -2.69
CA ILE B 143 24.18 11.63 -3.28
C ILE B 143 24.09 11.82 -4.80
N THR B 144 25.12 12.40 -5.42
CA THR B 144 25.07 12.68 -6.87
C THR B 144 25.17 11.37 -7.63
N LEU B 145 24.04 10.69 -7.85
CA LEU B 145 24.05 9.38 -8.56
C LEU B 145 24.45 9.62 -10.03
N ALA B 146 24.32 10.84 -10.50
CA ALA B 146 24.75 11.16 -11.89
C ALA B 146 24.14 10.15 -12.87
N ASN B 147 24.94 9.72 -13.85
CA ASN B 147 24.45 8.68 -14.81
C ASN B 147 24.34 7.35 -14.06
N ALA B 148 23.25 6.62 -14.26
CA ALA B 148 23.05 5.34 -13.54
C ALA B 148 23.54 4.17 -14.40
N HIS B 149 23.28 2.95 -13.93
CA HIS B 149 23.64 1.75 -14.74
C HIS B 149 25.10 1.86 -15.19
N ARG B 150 25.96 2.46 -14.37
CA ARG B 150 27.40 2.53 -14.73
C ARG B 150 28.21 1.83 -13.62
N ALA B 151 29.23 1.06 -14.03
CA ALA B 151 30.10 0.38 -13.04
C ALA B 151 30.91 1.44 -12.29
N ASP B 152 30.77 2.70 -12.70
CA ASP B 152 31.54 3.80 -12.07
C ASP B 152 30.80 4.27 -10.82
N GLU B 153 29.67 4.96 -11.00
CA GLU B 153 28.88 5.46 -9.84
C GLU B 153 28.38 4.26 -9.03
N ASP B 154 27.96 3.19 -9.71
CA ASP B 154 27.47 1.98 -8.98
C ASP B 154 28.60 1.47 -8.08
N ALA B 155 29.84 1.91 -8.34
CA ALA B 155 30.95 1.55 -7.42
C ALA B 155 31.26 2.75 -6.54
N ALA B 156 31.01 3.95 -7.06
CA ALA B 156 31.35 5.19 -6.30
C ALA B 156 30.23 5.52 -5.32
N THR B 157 29.00 5.63 -5.81
CA THR B 157 27.87 6.03 -4.93
C THR B 157 27.67 4.97 -3.87
N THR B 158 27.75 3.70 -4.24
CA THR B 158 27.62 2.62 -3.23
C THR B 158 28.64 2.88 -2.15
N ALA B 159 29.88 3.13 -2.54
CA ALA B 159 30.96 3.39 -1.57
C ALA B 159 30.61 4.61 -0.72
N LYS B 160 30.15 5.68 -1.37
CA LYS B 160 29.80 6.91 -0.63
C LYS B 160 28.75 6.56 0.42
N LEU B 161 27.76 5.75 0.06
CA LEU B 161 26.72 5.34 1.02
C LEU B 161 27.35 4.42 2.08
N MET B 162 28.14 3.44 1.64
CA MET B 162 28.83 2.61 2.62
C MET B 162 29.48 3.47 3.69
N ILE B 163 30.17 4.53 3.24
CA ILE B 163 30.71 5.53 4.15
C ILE B 163 29.60 6.07 5.04
N LEU B 164 28.52 6.56 4.43
CA LEU B 164 27.43 7.17 5.19
C LEU B 164 26.87 6.21 6.24
N ALA B 165 26.81 4.92 5.92
CA ALA B 165 26.47 3.92 6.91
C ALA B 165 27.47 3.94 8.06
N PHE B 166 28.74 3.74 7.74
CA PHE B 166 29.78 3.70 8.80
C PHE B 166 29.71 5.00 9.59
N GLU B 167 29.46 6.09 8.89
CA GLU B 167 29.31 7.37 9.61
C GLU B 167 28.09 7.25 10.52
N LYS B 168 26.98 6.69 10.01
CA LYS B 168 25.75 6.56 10.83
C LYS B 168 25.99 5.61 12.00
N PHE B 169 26.77 4.56 11.78
CA PHE B 169 26.95 3.52 12.84
C PHE B 169 27.69 4.09 14.05
N GLU B 170 28.03 5.37 14.04
CA GLU B 170 28.67 5.99 15.24
C GLU B 170 27.60 6.31 16.28
N LYS B 171 27.13 5.29 17.01
CA LYS B 171 26.05 5.48 18.01
C LYS B 171 26.55 5.06 19.39
N LEU B 172 25.62 4.86 20.34
CA LEU B 172 26.03 4.45 21.71
C LEU B 172 26.82 3.15 21.61
N PRO B 173 27.81 2.89 22.50
CA PRO B 173 28.66 1.71 22.34
C PRO B 173 27.87 0.43 22.41
N LEU B 174 27.23 0.20 23.56
CA LEU B 174 26.50 -1.07 23.76
C LEU B 174 25.65 -1.36 22.51
N ASP B 175 25.16 -0.31 21.85
CA ASP B 175 24.25 -0.56 20.70
C ASP B 175 25.01 -1.24 19.57
N THR B 176 26.22 -0.76 19.27
CA THR B 176 27.02 -1.38 18.19
C THR B 176 27.22 -2.83 18.55
N LEU B 177 27.40 -3.13 19.83
CA LEU B 177 27.62 -4.53 20.29
C LEU B 177 26.37 -5.36 19.97
N LYS B 178 25.19 -4.76 20.15
CA LYS B 178 23.92 -5.50 19.88
C LYS B 178 23.93 -5.97 18.43
N GLN B 179 24.27 -5.08 17.50
CA GLN B 179 24.25 -5.45 16.06
C GLN B 179 25.35 -6.48 15.78
N LEU B 180 26.49 -6.36 16.46
CA LEU B 180 27.59 -7.36 16.29
C LEU B 180 27.02 -8.77 16.50
N TYR B 181 26.44 -9.02 17.67
CA TYR B 181 25.92 -10.37 18.00
C TYR B 181 24.86 -10.75 16.98
N TYR B 182 24.00 -9.81 16.61
CA TYR B 182 22.93 -10.10 15.62
C TYR B 182 23.55 -10.51 14.31
N LEU B 183 24.59 -9.81 13.88
CA LEU B 183 25.18 -10.07 12.54
C LEU B 183 25.60 -11.53 12.42
N SER B 184 26.07 -12.14 13.51
CA SER B 184 26.60 -13.52 13.42
C SER B 184 25.60 -14.43 12.69
N LYS B 185 24.31 -14.10 12.72
CA LYS B 185 23.29 -15.00 12.12
C LYS B 185 22.66 -14.39 10.86
N GLN B 186 23.40 -13.52 10.13
CA GLN B 186 22.80 -12.83 8.96
C GLN B 186 23.04 -13.63 7.67
N LEU B 187 24.32 -13.96 7.42
CA LEU B 187 24.68 -14.73 6.20
C LEU B 187 26.20 -15.00 6.28
N LYS B 188 26.76 -15.61 5.23
CA LYS B 188 28.23 -15.83 5.20
C LYS B 188 28.92 -14.46 5.23
N TYR B 189 28.19 -13.40 4.85
CA TYR B 189 28.79 -12.04 4.79
C TYR B 189 29.38 -11.69 6.15
N ASP B 190 30.68 -11.44 6.20
CA ASP B 190 31.37 -11.17 7.50
C ASP B 190 31.26 -9.69 7.86
N LEU B 191 30.04 -9.19 8.02
CA LEU B 191 29.87 -7.78 8.47
C LEU B 191 30.04 -7.73 9.99
N TYR B 192 29.95 -8.89 10.65
CA TYR B 192 30.18 -8.94 12.12
C TYR B 192 31.60 -8.46 12.38
N ASP B 193 32.54 -8.96 11.57
CA ASP B 193 33.95 -8.55 11.72
C ASP B 193 34.02 -7.02 11.60
N ILE B 194 33.30 -6.45 10.63
CA ILE B 194 33.35 -4.97 10.41
C ILE B 194 32.90 -4.28 11.70
N PHE B 195 31.77 -4.72 12.26
CA PHE B 195 31.24 -4.10 13.49
C PHE B 195 32.23 -4.31 14.63
N PHE B 196 32.85 -5.51 14.67
CA PHE B 196 33.84 -5.81 15.73
C PHE B 196 34.98 -4.81 15.65
N GLU B 197 35.47 -4.56 14.43
CA GLU B 197 36.58 -3.59 14.25
C GLU B 197 36.14 -2.24 14.82
N MET B 198 34.93 -1.81 14.45
CA MET B 198 34.41 -0.50 14.94
C MET B 198 34.36 -0.55 16.47
N VAL B 199 33.98 -1.69 17.04
CA VAL B 199 33.90 -1.83 18.52
C VAL B 199 35.29 -1.58 19.10
N ARG B 200 36.32 -2.18 18.51
CA ARG B 200 37.70 -2.00 19.01
C ARG B 200 38.12 -0.53 18.86
N GLN B 201 37.95 0.04 17.66
CA GLN B 201 38.37 1.43 17.42
C GLN B 201 37.18 2.37 17.66
N TYR B 202 36.53 2.23 18.82
CA TYR B 202 35.32 3.04 19.08
C TYR B 202 35.70 4.29 19.86
N ASP B 203 35.06 5.42 19.52
CA ASP B 203 35.31 6.65 20.25
C ASP B 203 34.05 7.04 21.02
N ALA B 204 34.19 7.23 22.33
CA ALA B 204 33.06 7.37 23.22
C ALA B 204 32.68 8.84 23.44
N LYS B 205 31.37 9.10 23.43
CA LYS B 205 30.82 10.41 23.73
C LYS B 205 29.32 10.25 24.01
N PRO B 206 28.67 11.13 24.81
CA PRO B 206 27.22 11.02 24.99
C PRO B 206 26.38 11.98 24.14
N LEU B 207 25.11 11.63 23.91
CA LEU B 207 24.20 12.52 23.13
C LEU B 207 22.94 12.80 23.97
N ASP B 208 22.20 13.87 23.63
CA ASP B 208 21.01 14.25 24.45
C ASP B 208 19.72 13.96 23.68
N LYS B 209 19.83 13.68 22.38
CA LYS B 209 18.64 13.35 21.56
C LYS B 209 17.83 12.30 22.33
N PHE B 210 18.54 11.38 22.99
CA PHE B 210 17.85 10.33 23.79
C PHE B 210 17.94 10.72 25.25
N TYR B 211 16.89 11.39 25.75
CA TYR B 211 16.88 11.83 27.17
C TYR B 211 17.04 10.62 28.05
N GLU B 212 16.59 9.46 27.57
CA GLU B 212 16.73 8.20 28.34
C GLU B 212 16.72 7.01 27.37
N LYS B 213 16.91 5.79 27.89
CA LYS B 213 16.84 4.59 27.04
C LYS B 213 15.86 3.61 27.70
N PHE B 214 15.06 2.91 26.89
CA PHE B 214 14.09 1.91 27.44
C PHE B 214 14.78 0.56 27.56
N GLU B 215 14.89 0.04 28.79
CA GLU B 215 15.55 -1.26 29.01
C GLU B 215 16.89 -1.25 28.26
N GLN B 216 17.08 -2.18 27.33
CA GLN B 216 18.34 -2.21 26.52
C GLN B 216 18.04 -1.68 25.11
N ILE B 217 17.26 -0.59 25.00
CA ILE B 217 16.99 0.04 23.68
C ILE B 217 17.21 1.54 23.83
N ILE B 218 17.83 2.18 22.84
CA ILE B 218 17.98 3.66 22.91
C ILE B 218 17.02 4.28 21.89
N TYR B 219 16.47 5.46 22.15
CA TYR B 219 15.43 6.01 21.23
C TYR B 219 15.53 7.53 21.14
N ARG B 220 15.25 8.08 19.94
CA ARG B 220 15.25 9.56 19.77
C ARG B 220 13.99 10.12 20.43
N LYS B 221 14.16 10.80 21.57
CA LYS B 221 13.00 11.36 22.30
C LYS B 221 12.11 12.12 21.30
N GLN B 222 10.81 11.82 21.29
CA GLN B 222 9.88 12.46 20.33
C GLN B 222 9.78 13.97 20.65
N VAL B 223 10.09 14.83 19.67
CA VAL B 223 9.99 16.30 19.87
C VAL B 223 8.50 16.68 19.93
N ASP B 224 8.07 17.31 21.03
CA ASP B 224 6.63 17.64 21.20
C ASP B 224 6.24 18.81 20.29
N PHE B 225 5.00 19.29 20.41
CA PHE B 225 4.51 20.39 19.52
C PHE B 225 4.19 21.62 20.34
N LYS B 226 4.20 22.79 19.69
CA LYS B 226 3.82 24.05 20.38
C LYS B 226 2.46 24.52 19.85
N LYS B 227 2.07 25.76 20.13
CA LYS B 227 0.76 26.28 19.66
C LYS B 227 0.98 27.61 18.89
N PRO B 228 1.59 27.59 17.69
CA PRO B 228 1.88 28.82 16.96
C PRO B 228 0.73 29.26 16.08
N THR B 229 -0.08 30.21 16.55
CA THR B 229 -1.20 30.74 15.74
C THR B 229 -1.39 32.21 16.05
N THR B 230 -1.49 33.05 15.01
CA THR B 230 -1.73 34.49 15.22
C THR B 230 -3.13 34.82 14.76
N ASN B 231 -3.95 35.38 15.66
CA ASN B 231 -5.34 35.76 15.30
C ASN B 231 -5.28 36.61 14.03
N TYR B 232 -6.00 36.18 12.99
CA TYR B 232 -6.02 36.94 11.71
C TYR B 232 -6.63 38.31 12.00
N ASN B 233 -7.32 38.43 13.13
CA ASN B 233 -8.02 39.70 13.44
C ASN B 233 -8.86 40.08 12.22
N GLY B 234 -9.54 39.08 11.62
CA GLY B 234 -10.38 39.33 10.44
C GLY B 234 -11.29 38.15 10.15
N SER B 235 -12.17 38.28 9.16
CA SER B 235 -13.07 37.16 8.77
C SER B 235 -12.39 36.29 7.71
N LEU B 236 -12.94 35.10 7.45
CA LEU B 236 -12.30 34.16 6.50
C LEU B 236 -12.38 34.70 5.07
N LYS B 237 -13.40 35.50 4.77
CA LYS B 237 -13.46 36.11 3.42
C LYS B 237 -12.15 36.87 3.19
N SER B 238 -11.75 37.67 4.17
CA SER B 238 -10.51 38.45 4.06
C SER B 238 -9.33 37.47 3.97
N LEU B 239 -9.35 36.44 4.81
CA LEU B 239 -8.26 35.43 4.82
C LEU B 239 -8.18 34.78 3.44
N TYR B 240 -9.32 34.34 2.91
CA TYR B 240 -9.33 33.68 1.57
C TYR B 240 -8.75 34.65 0.58
N ARG B 241 -9.19 35.90 0.66
CA ARG B 241 -8.68 36.94 -0.27
C ARG B 241 -7.17 37.05 -0.07
N LYS B 242 -6.72 37.22 1.18
CA LYS B 242 -5.28 37.42 1.44
C LYS B 242 -4.51 36.21 0.90
N ALA B 243 -5.02 35.01 1.17
CA ALA B 243 -4.33 33.79 0.70
C ALA B 243 -4.28 33.77 -0.82
N VAL B 244 -5.45 33.80 -1.46
CA VAL B 244 -5.48 33.70 -2.95
C VAL B 244 -4.55 34.81 -3.49
N ASP B 245 -4.48 35.94 -2.77
CA ASP B 245 -3.62 37.05 -3.25
C ASP B 245 -2.17 36.57 -3.31
N GLN B 246 -1.71 35.91 -2.24
CA GLN B 246 -0.30 35.47 -2.20
C GLN B 246 -0.14 34.20 -3.06
N LEU B 247 -1.15 33.34 -3.09
CA LEU B 247 -1.09 32.12 -3.92
C LEU B 247 -1.15 32.51 -5.40
N GLY B 248 -1.77 33.65 -5.70
CA GLY B 248 -1.91 34.09 -7.10
C GLY B 248 -2.86 33.19 -7.87
N LEU B 249 -3.97 32.83 -7.26
CA LEU B 249 -4.99 31.99 -7.94
C LEU B 249 -6.21 32.84 -8.29
N THR B 250 -7.38 32.22 -8.42
CA THR B 250 -8.61 32.97 -8.78
C THR B 250 -9.52 33.02 -7.57
N TYR B 251 -10.31 34.09 -7.44
CA TYR B 251 -11.28 34.20 -6.33
C TYR B 251 -12.55 33.47 -6.72
N ARG B 252 -12.52 32.14 -6.65
CA ARG B 252 -13.74 31.34 -6.96
C ARG B 252 -14.71 31.49 -5.79
N PRO B 253 -15.89 32.12 -6.00
CA PRO B 253 -16.82 32.35 -4.90
C PRO B 253 -17.30 31.03 -4.31
N GLN B 254 -17.54 30.04 -5.17
CA GLN B 254 -18.08 28.74 -4.69
C GLN B 254 -17.06 28.06 -3.75
N GLN B 255 -15.77 28.12 -4.10
CA GLN B 255 -14.75 27.54 -3.18
C GLN B 255 -14.94 28.18 -1.80
N LEU B 256 -15.02 29.52 -1.76
CA LEU B 256 -15.17 30.23 -0.46
C LEU B 256 -16.48 29.79 0.20
N TYR B 257 -17.55 29.65 -0.58
CA TYR B 257 -18.86 29.25 -0.02
C TYR B 257 -18.67 27.95 0.76
N LEU B 258 -17.94 27.01 0.18
CA LEU B 258 -17.72 25.70 0.85
C LEU B 258 -17.04 25.95 2.20
N ALA B 259 -15.95 26.71 2.19
CA ALA B 259 -15.20 26.96 3.45
C ALA B 259 -16.16 27.53 4.49
N GLU B 260 -16.98 28.51 4.08
CA GLU B 260 -17.89 29.17 5.03
C GLU B 260 -18.90 28.15 5.58
N THR B 261 -19.47 27.30 4.72
CA THR B 261 -20.47 26.32 5.17
C THR B 261 -19.82 25.39 6.15
N ILE B 262 -18.63 24.88 5.81
CA ILE B 262 -17.90 23.94 6.72
C ILE B 262 -17.68 24.66 8.06
N LEU B 263 -17.13 25.87 8.02
CA LEU B 263 -16.80 26.59 9.27
C LEU B 263 -18.08 26.80 10.09
N ASP B 264 -19.18 27.18 9.41
CA ASP B 264 -20.45 27.45 10.13
C ASP B 264 -20.87 26.18 10.85
N GLN B 265 -20.84 25.05 10.16
CA GLN B 265 -21.29 23.77 10.76
C GLN B 265 -20.33 23.39 11.91
N LEU B 266 -19.03 23.59 11.71
CA LEU B 266 -18.02 23.23 12.74
C LEU B 266 -18.20 24.14 13.97
N MET B 267 -18.46 25.42 13.75
CA MET B 267 -18.55 26.38 14.90
C MET B 267 -19.65 25.89 15.85
N HIS B 268 -20.78 25.44 15.31
CA HIS B 268 -21.87 24.89 16.16
C HIS B 268 -21.68 23.37 16.26
N SER B 269 -22.53 22.71 17.04
CA SER B 269 -22.45 21.22 17.12
C SER B 269 -23.42 20.64 16.07
N GLU B 270 -23.20 20.95 14.79
CA GLU B 270 -24.17 20.52 13.75
C GLU B 270 -23.57 19.41 12.87
N LYS B 271 -24.38 18.43 12.51
CA LYS B 271 -23.93 17.36 11.59
C LYS B 271 -24.46 17.72 10.21
N ALA B 272 -23.65 17.59 9.15
CA ALA B 272 -24.11 18.04 7.83
C ALA B 272 -23.60 17.16 6.69
N MET B 273 -24.29 17.19 5.55
CA MET B 273 -23.85 16.43 4.35
C MET B 273 -23.74 17.43 3.20
N ILE B 274 -22.52 17.73 2.74
CA ILE B 274 -22.33 18.76 1.68
C ILE B 274 -21.95 18.05 0.37
N GLU B 275 -22.59 18.40 -0.75
CA GLU B 275 -22.24 17.82 -2.06
C GLU B 275 -21.51 18.86 -2.92
N ALA B 276 -20.19 18.69 -3.08
CA ALA B 276 -19.39 19.69 -3.80
C ALA B 276 -18.72 19.06 -5.03
N SER B 277 -18.80 19.74 -6.17
CA SER B 277 -18.10 19.26 -7.38
C SER B 277 -17.03 20.29 -7.74
N LEU B 278 -16.51 21.01 -6.74
CA LEU B 278 -15.49 22.05 -6.96
C LEU B 278 -14.38 21.48 -7.84
N GLY B 279 -13.94 22.24 -8.84
CA GLY B 279 -12.89 21.75 -9.76
C GLY B 279 -11.54 21.71 -9.11
N SER B 280 -11.27 20.68 -8.30
CA SER B 280 -9.93 20.52 -7.67
C SER B 280 -9.57 21.80 -6.88
N GLY B 281 -10.38 22.17 -5.89
CA GLY B 281 -10.05 23.33 -5.03
C GLY B 281 -10.57 23.12 -3.63
N LYS B 282 -10.95 21.88 -3.28
CA LYS B 282 -11.56 21.61 -1.96
C LYS B 282 -10.50 21.65 -0.85
N SER B 283 -9.27 21.23 -1.17
CA SER B 283 -8.21 21.15 -0.13
C SER B 283 -8.07 22.49 0.60
N LEU B 284 -7.87 23.57 -0.16
CA LEU B 284 -7.65 24.89 0.47
C LEU B 284 -8.85 25.24 1.36
N ALA B 285 -10.07 25.09 0.83
CA ALA B 285 -11.28 25.46 1.60
C ALA B 285 -11.28 24.69 2.92
N TYR B 286 -11.01 23.38 2.86
CA TYR B 286 -11.06 22.55 4.09
C TYR B 286 -10.09 23.11 5.11
N LEU B 287 -8.83 23.28 4.72
CA LEU B 287 -7.81 23.74 5.71
C LEU B 287 -8.17 25.15 6.18
N LEU B 288 -8.56 26.02 5.24
CA LEU B 288 -8.89 27.42 5.61
C LEU B 288 -9.92 27.39 6.74
N ALA B 289 -10.98 26.58 6.58
CA ALA B 289 -12.03 26.52 7.61
C ALA B 289 -11.44 26.02 8.93
N ALA B 290 -10.57 25.01 8.84
CA ALA B 290 -9.99 24.42 10.06
C ALA B 290 -9.16 25.47 10.79
N LEU B 291 -8.21 26.09 10.06
CA LEU B 291 -7.32 27.09 10.71
C LEU B 291 -8.18 28.29 11.13
N MET B 292 -9.26 28.55 10.40
CA MET B 292 -10.16 29.66 10.82
C MET B 292 -10.86 29.22 12.11
N TYR B 293 -11.30 27.96 12.16
CA TYR B 293 -11.89 27.47 13.44
C TYR B 293 -10.84 27.74 14.49
N ASN B 294 -9.60 27.35 14.20
CA ASN B 294 -8.48 27.56 15.16
C ASN B 294 -8.45 29.01 15.62
N ILE B 295 -8.22 29.92 14.69
CA ILE B 295 -8.09 31.36 15.07
C ILE B 295 -9.32 31.73 15.91
N GLU B 296 -10.50 31.29 15.49
CA GLU B 296 -11.75 31.67 16.20
C GLU B 296 -11.90 30.80 17.45
N THR B 297 -10.93 30.86 18.37
CA THR B 297 -11.03 30.11 19.64
C THR B 297 -11.53 28.71 19.36
N GLY B 298 -11.06 28.11 18.25
CA GLY B 298 -11.52 26.77 17.87
C GLY B 298 -10.63 25.70 18.48
N LYS B 299 -10.90 24.43 18.15
CA LYS B 299 -10.14 23.33 18.77
C LYS B 299 -9.62 22.40 17.67
N HIS B 300 -9.18 21.21 18.06
CA HIS B 300 -8.64 20.21 17.09
C HIS B 300 -9.73 19.88 16.05
N VAL B 301 -9.34 19.78 14.78
CA VAL B 301 -10.30 19.38 13.71
C VAL B 301 -9.69 18.19 12.97
N MET B 302 -10.50 17.18 12.64
CA MET B 302 -10.01 15.97 11.93
C MET B 302 -10.45 16.04 10.47
N ILE B 303 -9.79 15.30 9.58
CA ILE B 303 -10.23 15.23 8.16
C ILE B 303 -9.84 13.87 7.57
N SER B 304 -10.83 13.03 7.25
CA SER B 304 -10.53 11.71 6.67
C SER B 304 -10.42 11.84 5.16
N THR B 305 -9.70 10.95 4.48
CA THR B 305 -9.61 11.08 3.01
C THR B 305 -9.66 9.71 2.36
N ASN B 306 -10.41 9.57 1.27
CA ASN B 306 -10.55 8.27 0.57
C ASN B 306 -9.22 7.83 -0.03
N THR B 307 -8.49 8.75 -0.66
CA THR B 307 -7.15 8.42 -1.20
C THR B 307 -6.12 9.12 -0.33
N LYS B 308 -4.85 9.09 -0.75
CA LYS B 308 -3.77 9.69 0.06
C LYS B 308 -3.04 10.76 -0.75
N LEU B 309 -3.27 10.79 -2.07
CA LEU B 309 -2.65 11.84 -2.91
C LEU B 309 -3.14 13.20 -2.40
N LEU B 310 -4.45 13.33 -2.17
CA LEU B 310 -5.00 14.60 -1.64
C LEU B 310 -4.36 14.85 -0.27
N GLN B 311 -4.27 13.80 0.55
CA GLN B 311 -3.68 13.94 1.90
C GLN B 311 -2.32 14.62 1.77
N SER B 312 -1.46 14.08 0.92
CA SER B 312 -0.10 14.65 0.77
C SER B 312 -0.21 16.06 0.19
N GLN B 313 -1.01 16.24 -0.86
CA GLN B 313 -1.10 17.57 -1.52
C GLN B 313 -1.31 18.65 -0.46
N LEU B 314 -2.31 18.49 0.40
CA LEU B 314 -2.59 19.54 1.41
C LEU B 314 -1.51 19.49 2.50
N LEU B 315 -0.87 18.34 2.68
CA LEU B 315 0.10 18.20 3.80
C LEU B 315 1.50 18.65 3.36
N GLU B 316 1.91 18.33 2.14
CA GLU B 316 3.31 18.64 1.73
C GLU B 316 3.36 19.89 0.82
N LYS B 317 2.21 20.54 0.57
CA LYS B 317 2.23 21.71 -0.36
C LYS B 317 1.35 22.84 0.18
N ASP B 318 0.03 22.62 0.27
CA ASP B 318 -0.90 23.72 0.67
C ASP B 318 -0.51 24.27 2.04
N ILE B 319 -0.38 23.40 3.05
CA ILE B 319 -0.10 23.90 4.43
C ILE B 319 1.18 24.76 4.40
N PRO B 320 2.32 24.28 3.84
CA PRO B 320 3.50 25.12 3.75
C PRO B 320 3.21 26.45 3.09
N ALA B 321 2.51 26.42 1.96
CA ALA B 321 2.22 27.67 1.21
C ALA B 321 1.43 28.63 2.09
N MET B 322 0.52 28.10 2.91
CA MET B 322 -0.29 28.96 3.82
C MET B 322 0.59 29.42 4.99
N ASN B 323 1.58 28.61 5.38
CA ASN B 323 2.43 28.96 6.56
C ASN B 323 3.02 30.36 6.34
N GLU B 324 3.60 30.60 5.16
CA GLU B 324 4.24 31.92 4.89
C GLU B 324 3.16 33.00 4.91
N ALA B 325 2.01 32.75 4.27
CA ALA B 325 0.94 33.77 4.20
C ALA B 325 0.43 34.08 5.61
N LEU B 326 0.21 33.05 6.42
CA LEU B 326 -0.32 33.25 7.80
C LEU B 326 0.79 33.79 8.70
N ASN B 327 2.05 33.68 8.27
CA ASN B 327 3.21 34.16 9.08
C ASN B 327 3.48 33.18 10.21
N PHE B 328 2.63 32.16 10.37
CA PHE B 328 2.85 31.12 11.41
C PHE B 328 2.43 29.77 10.84
N LYS B 329 2.85 28.69 11.51
CA LYS B 329 2.49 27.33 11.06
C LYS B 329 1.66 26.65 12.14
N ILE B 330 0.45 26.20 11.81
CA ILE B 330 -0.36 25.43 12.80
C ILE B 330 0.09 23.96 12.69
N ASN B 331 0.67 23.43 13.77
CA ASN B 331 1.23 22.05 13.71
C ASN B 331 0.16 21.09 13.19
N ALA B 332 0.53 20.26 12.19
CA ALA B 332 -0.41 19.25 11.64
C ALA B 332 0.26 17.89 11.64
N LEU B 333 -0.50 16.82 11.91
CA LEU B 333 0.10 15.47 12.02
C LEU B 333 -0.82 14.44 11.35
N LEU B 334 -0.25 13.39 10.74
CA LEU B 334 -1.06 12.32 10.12
C LEU B 334 -1.50 11.34 11.21
N ILE B 335 -2.72 11.53 11.75
CA ILE B 335 -3.22 10.65 12.84
C ILE B 335 -3.45 9.24 12.27
N LYS B 336 -3.03 8.20 13.00
CA LYS B 336 -3.23 6.80 12.55
C LYS B 336 -3.75 5.96 13.73
N SER B 337 -4.02 4.67 13.50
CA SER B 337 -4.54 3.79 14.57
C SER B 337 -3.42 3.44 15.56
N LYS B 338 -3.78 2.95 16.76
CA LYS B 338 -2.77 2.65 17.79
C LYS B 338 -1.74 1.64 17.25
N SER B 339 -2.22 0.61 16.54
CA SER B 339 -1.31 -0.44 16.01
C SER B 339 -0.24 0.19 15.11
N ASP B 340 -0.59 1.24 14.37
CA ASP B 340 0.37 1.86 13.42
C ASP B 340 1.61 2.35 14.17
N TYR B 341 1.43 2.88 15.39
CA TYR B 341 2.59 3.42 16.17
C TYR B 341 3.34 2.26 16.83
N ILE B 342 4.65 2.43 17.04
CA ILE B 342 5.49 1.32 17.61
C ILE B 342 5.62 1.49 19.12
N SER B 343 5.68 0.38 19.86
CA SER B 343 5.87 0.45 21.33
C SER B 343 7.32 0.08 21.62
N LEU B 344 7.77 0.23 22.87
CA LEU B 344 9.15 -0.19 23.20
C LEU B 344 9.13 -1.69 23.55
N GLY B 345 8.10 -2.42 23.11
CA GLY B 345 8.06 -3.88 23.31
C GLY B 345 9.10 -4.52 22.42
N LEU B 346 9.84 -3.71 21.67
CA LEU B 346 10.94 -4.22 20.82
C LEU B 346 11.88 -5.07 21.69
N ILE B 347 11.99 -4.72 22.97
CA ILE B 347 12.89 -5.48 23.89
C ILE B 347 12.44 -6.95 23.89
N SER B 348 11.12 -7.20 23.95
CA SER B 348 10.62 -8.59 23.90
C SER B 348 11.06 -9.22 22.57
N GLN B 349 10.96 -8.47 21.47
CA GLN B 349 11.35 -8.98 20.14
C GLN B 349 12.86 -9.29 20.16
N ILE B 350 13.64 -8.44 20.83
CA ILE B 350 15.11 -8.66 20.93
C ILE B 350 15.38 -9.98 21.65
N LEU B 351 14.70 -10.21 22.78
CA LEU B 351 14.93 -11.44 23.59
C LEU B 351 14.68 -12.69 22.72
N LYS B 352 13.59 -12.71 21.95
CA LYS B 352 13.26 -13.92 21.16
C LYS B 352 14.44 -14.28 20.26
N ASP B 353 14.77 -15.57 20.17
CA ASP B 353 15.87 -16.03 19.27
C ASP B 353 15.26 -16.71 18.04
N ASP B 354 15.60 -16.21 16.86
CA ASP B 354 15.06 -16.80 15.59
C ASP B 354 16.17 -16.80 14.54
N THR B 355 17.24 -17.55 14.81
CA THR B 355 18.39 -17.57 13.89
C THR B 355 17.93 -17.95 12.50
N SER B 356 17.01 -18.90 12.40
CA SER B 356 16.57 -19.40 11.07
C SER B 356 16.06 -18.24 10.21
N ASN B 357 15.30 -17.33 10.79
CA ASN B 357 14.69 -16.23 9.99
C ASN B 357 15.75 -15.15 9.74
N TYR B 358 16.48 -15.27 8.63
CA TYR B 358 17.49 -14.24 8.27
C TYR B 358 16.82 -12.88 8.29
N GLU B 359 15.58 -12.83 7.79
CA GLU B 359 14.83 -11.55 7.76
C GLU B 359 14.53 -11.06 9.18
N VAL B 360 13.95 -11.93 10.03
CA VAL B 360 13.55 -11.51 11.41
C VAL B 360 14.80 -10.91 12.09
N ASN B 361 15.96 -11.54 11.93
CA ASN B 361 17.21 -11.03 12.57
C ASN B 361 17.52 -9.63 12.01
N ILE B 362 17.48 -9.47 10.69
CA ILE B 362 17.75 -8.15 10.05
C ILE B 362 16.69 -7.16 10.58
N LEU B 363 15.45 -7.61 10.73
CA LEU B 363 14.37 -6.73 11.22
C LEU B 363 14.81 -6.15 12.56
N LYS B 364 15.33 -7.01 13.45
CA LYS B 364 15.76 -6.56 14.79
C LYS B 364 16.78 -5.42 14.60
N MET B 365 17.78 -5.64 13.76
CA MET B 365 18.84 -4.61 13.56
C MET B 365 18.23 -3.35 12.95
N GLN B 366 17.37 -3.50 11.94
CA GLN B 366 16.74 -2.33 11.29
C GLN B 366 15.96 -1.53 12.34
N LEU B 367 15.16 -2.22 13.15
CA LEU B 367 14.32 -1.53 14.16
C LEU B 367 15.22 -0.72 15.09
N LEU B 368 16.39 -1.27 15.44
CA LEU B 368 17.29 -0.58 16.40
C LEU B 368 17.71 0.77 15.80
N ILE B 369 18.19 0.77 14.57
CA ILE B 369 18.60 2.05 13.90
C ILE B 369 17.33 2.92 13.72
N TRP B 370 16.21 2.29 13.37
CA TRP B 370 14.96 3.05 13.12
C TRP B 370 14.53 3.79 14.38
N ILE B 371 14.54 3.11 15.53
CA ILE B 371 14.02 3.74 16.79
C ILE B 371 14.92 4.94 17.16
N THR B 372 16.10 5.03 16.53
CA THR B 372 17.03 6.14 16.82
C THR B 372 16.76 7.31 15.88
N GLU B 373 16.01 7.08 14.79
CA GLU B 373 15.79 8.15 13.78
C GLU B 373 14.30 8.47 13.64
N THR B 374 13.41 7.49 13.82
CA THR B 374 11.97 7.73 13.58
C THR B 374 11.47 8.86 14.45
N PRO B 375 10.72 9.84 13.89
CA PRO B 375 10.13 10.89 14.70
C PRO B 375 8.68 10.61 15.05
N SER B 376 8.07 9.62 14.39
CA SER B 376 6.64 9.31 14.61
C SER B 376 6.47 7.92 15.24
N GLY B 377 7.14 6.92 14.66
CA GLY B 377 7.03 5.54 15.18
C GLY B 377 6.03 4.73 14.39
N ASP B 378 5.48 5.32 13.31
CA ASP B 378 4.54 4.57 12.45
C ASP B 378 5.25 3.31 11.94
N ILE B 379 4.75 2.12 12.28
CA ILE B 379 5.41 0.86 11.88
C ILE B 379 5.38 0.75 10.35
N GLN B 380 4.54 1.55 9.69
CA GLN B 380 4.41 1.48 8.22
C GLN B 380 5.52 2.30 7.55
N GLU B 381 6.24 3.12 8.32
CA GLU B 381 7.39 3.86 7.75
C GLU B 381 8.28 2.82 7.05
N LEU B 382 8.56 1.71 7.73
CA LEU B 382 9.33 0.62 7.11
C LEU B 382 8.40 -0.15 6.16
N ASN B 383 8.89 -0.52 4.99
CA ASN B 383 8.06 -1.24 4.00
C ASN B 383 7.92 -2.71 4.45
N LEU B 384 7.26 -2.94 5.59
CA LEU B 384 7.13 -4.31 6.12
C LEU B 384 6.45 -5.19 5.07
N LYS B 385 7.12 -6.28 4.66
CA LYS B 385 6.56 -7.19 3.64
C LYS B 385 7.13 -8.60 3.84
N GLY B 386 6.49 -9.60 3.24
CA GLY B 386 7.01 -10.99 3.35
C GLY B 386 6.99 -11.48 4.77
N GLY B 387 7.92 -12.37 5.12
CA GLY B 387 7.95 -12.97 6.47
C GLY B 387 8.10 -11.89 7.53
N GLN B 388 8.87 -10.85 7.24
CA GLN B 388 9.08 -9.76 8.22
C GLN B 388 7.71 -9.20 8.62
N LYS B 389 6.86 -8.92 7.63
CA LYS B 389 5.52 -8.35 7.92
C LYS B 389 4.71 -9.36 8.74
N MET B 390 4.68 -10.61 8.29
CA MET B 390 3.88 -11.65 9.02
C MET B 390 4.35 -11.70 10.47
N TYR B 391 5.67 -11.75 10.70
CA TYR B 391 6.20 -11.87 12.07
C TYR B 391 5.81 -10.66 12.90
N PHE B 392 6.05 -9.46 12.38
CA PHE B 392 5.80 -8.24 13.19
C PHE B 392 4.31 -8.16 13.53
N ASP B 393 3.44 -8.45 12.56
CA ASP B 393 1.99 -8.32 12.81
C ASP B 393 1.60 -9.28 13.92
N GLN B 394 2.07 -10.52 13.86
CA GLN B 394 1.78 -11.53 14.90
C GLN B 394 2.26 -10.99 16.25
N LYS B 395 3.49 -10.47 16.30
CA LYS B 395 4.06 -9.96 17.57
C LYS B 395 3.21 -8.80 18.09
N ILE B 396 2.81 -7.88 17.20
CA ILE B 396 2.05 -6.67 17.64
C ILE B 396 0.67 -7.12 18.14
N GLU B 397 0.14 -8.21 17.58
CA GLU B 397 -1.20 -8.72 17.98
C GLU B 397 -1.09 -9.46 19.31
N THR B 398 0.00 -10.22 19.50
CA THR B 398 0.15 -11.04 20.72
C THR B 398 0.88 -10.27 21.80
N TYR B 399 1.16 -8.98 21.56
CA TYR B 399 1.94 -8.17 22.55
C TYR B 399 1.08 -7.91 23.77
N VAL B 400 1.66 -8.09 24.97
CA VAL B 400 0.93 -7.77 26.23
C VAL B 400 1.69 -6.64 26.91
N PRO B 401 1.38 -5.36 26.60
CA PRO B 401 2.13 -4.24 27.15
C PRO B 401 2.05 -4.18 28.67
N ALA B 402 3.12 -3.74 29.31
CA ALA B 402 3.15 -3.64 30.79
C ALA B 402 4.36 -2.83 31.25
N ARG B 403 4.51 -2.64 32.57
CA ARG B 403 5.69 -1.92 33.13
C ARG B 403 5.85 -0.55 32.45
N HIS B 404 4.73 0.18 32.29
CA HIS B 404 4.80 1.55 31.70
C HIS B 404 5.65 1.54 30.42
N ASP B 405 5.37 0.62 29.51
CA ASP B 405 6.09 0.63 28.21
C ASP B 405 5.68 1.91 27.47
N VAL B 406 6.66 2.61 26.87
CA VAL B 406 6.37 3.87 26.14
C VAL B 406 5.81 3.51 24.75
N HIS B 407 4.64 4.06 24.41
CA HIS B 407 4.05 3.82 23.06
C HIS B 407 4.01 5.14 22.30
N TYR B 408 4.48 5.16 21.05
CA TYR B 408 4.57 6.42 20.27
C TYR B 408 3.16 6.93 19.94
N TYR B 409 2.14 6.10 20.15
CA TYR B 409 0.74 6.54 19.92
C TYR B 409 0.36 7.55 21.00
N ASN B 410 0.86 7.36 22.22
CA ASN B 410 0.51 8.27 23.35
C ASN B 410 1.01 9.68 23.04
N PHE B 411 2.04 9.80 22.18
CA PHE B 411 2.56 11.14 21.79
C PHE B 411 1.42 11.95 21.20
N ILE B 412 0.66 11.34 20.29
CA ILE B 412 -0.46 12.06 19.62
C ILE B 412 -1.40 12.58 20.69
N LYS B 413 -1.74 11.74 21.67
CA LYS B 413 -2.72 12.13 22.72
C LYS B 413 -2.20 13.34 23.51
N ARG B 414 -0.91 13.34 23.86
CA ARG B 414 -0.35 14.44 24.68
C ARG B 414 -0.38 15.76 23.90
N ASN B 415 -0.09 15.71 22.59
CA ASN B 415 -0.02 16.97 21.79
C ASN B 415 -1.36 17.23 21.09
N ALA B 416 -2.39 16.46 21.41
CA ALA B 416 -3.69 16.60 20.69
C ALA B 416 -4.17 18.04 20.72
N GLN B 417 -4.13 18.68 21.90
CA GLN B 417 -4.64 20.07 22.03
C GLN B 417 -3.88 20.98 21.05
N ASN B 418 -2.57 20.76 20.92
CA ASN B 418 -1.74 21.64 20.05
C ASN B 418 -2.03 21.36 18.58
N ILE B 419 -2.29 20.10 18.22
CA ILE B 419 -2.63 19.77 16.80
C ILE B 419 -4.13 20.05 16.57
N GLN B 420 -4.45 21.24 16.08
CA GLN B 420 -5.88 21.59 15.81
C GLN B 420 -6.22 21.18 14.37
N ILE B 421 -5.23 20.75 13.60
CA ILE B 421 -5.51 20.24 12.22
C ILE B 421 -4.86 18.86 12.07
N GLY B 422 -5.66 17.79 12.12
CA GLY B 422 -5.12 16.43 12.01
C GLY B 422 -5.76 15.68 10.86
N ILE B 423 -4.99 14.81 10.18
CA ILE B 423 -5.52 14.10 8.98
C ILE B 423 -5.50 12.59 9.26
N THR B 424 -6.41 11.83 8.62
CA THR B 424 -6.50 10.38 8.85
C THR B 424 -6.93 9.73 7.56
N ASN B 425 -7.30 8.44 7.61
CA ASN B 425 -7.81 7.74 6.41
C ASN B 425 -9.15 7.08 6.76
N HIS B 426 -10.05 6.96 5.78
CA HIS B 426 -11.37 6.33 6.01
C HIS B 426 -11.18 5.00 6.74
N ALA B 427 -10.20 4.21 6.29
CA ALA B 427 -9.98 2.87 6.90
C ALA B 427 -9.74 3.03 8.40
N HIS B 428 -8.88 3.98 8.77
CA HIS B 428 -8.56 4.20 10.20
C HIS B 428 -9.81 4.74 10.92
N LEU B 429 -10.55 5.62 10.25
CA LEU B 429 -11.72 6.27 10.91
C LEU B 429 -12.69 5.20 11.45
N ILE B 430 -12.87 4.09 10.72
CA ILE B 430 -13.89 3.07 11.13
C ILE B 430 -13.27 2.09 12.15
N HIS B 431 -11.99 2.27 12.51
CA HIS B 431 -11.32 1.31 13.42
C HIS B 431 -11.97 1.36 14.80
N SER B 432 -11.81 0.29 15.58
CA SER B 432 -12.47 0.20 16.92
C SER B 432 -11.97 1.30 17.86
N ASP B 433 -12.78 1.64 18.87
CA ASP B 433 -12.40 2.69 19.85
C ASP B 433 -11.11 2.29 20.55
N VAL B 434 -10.98 1.01 20.92
CA VAL B 434 -9.77 0.55 21.67
C VAL B 434 -8.51 0.87 20.84
N GLU B 435 -8.63 0.86 19.51
CA GLU B 435 -7.47 1.14 18.63
C GLU B 435 -7.49 2.61 18.21
N ASN B 436 -8.66 3.25 18.26
CA ASN B 436 -8.77 4.69 17.90
C ASN B 436 -9.32 5.46 19.10
N SER B 437 -8.58 5.45 20.22
CA SER B 437 -9.01 6.17 21.44
C SER B 437 -8.62 7.64 21.35
N ILE B 438 -7.78 7.99 20.37
CA ILE B 438 -7.36 9.42 20.18
C ILE B 438 -8.61 10.24 19.82
N TYR B 439 -9.59 9.62 19.17
CA TYR B 439 -10.81 10.36 18.71
C TYR B 439 -11.53 10.93 19.94
N GLN B 440 -11.27 10.39 21.13
CA GLN B 440 -11.87 10.96 22.35
C GLN B 440 -11.36 12.40 22.52
N LEU B 441 -10.16 12.68 22.00
CA LEU B 441 -9.58 14.05 22.10
C LEU B 441 -9.71 14.72 20.73
N PHE B 442 -10.56 14.19 19.85
CA PHE B 442 -10.82 14.82 18.52
C PHE B 442 -12.31 14.64 18.24
N ASP B 443 -13.12 15.65 18.55
CA ASP B 443 -14.60 15.46 18.43
C ASP B 443 -15.17 16.14 17.17
N ASP B 444 -14.32 16.76 16.36
CA ASP B 444 -14.81 17.36 15.08
C ASP B 444 -14.07 16.75 13.90
N CYS B 445 -14.80 16.33 12.86
CA CYS B 445 -14.16 15.68 11.69
C CYS B 445 -14.88 16.03 10.39
N ILE B 446 -14.14 16.18 9.29
CA ILE B 446 -14.76 16.43 7.97
C ILE B 446 -14.35 15.28 7.04
N VAL B 447 -15.32 14.50 6.55
CA VAL B 447 -14.98 13.31 5.72
C VAL B 447 -15.04 13.68 4.24
N ASP B 448 -13.98 13.37 3.48
CA ASP B 448 -13.97 13.63 2.02
C ASP B 448 -14.27 12.33 1.28
N GLU B 449 -14.86 12.42 0.09
CA GLU B 449 -15.21 11.21 -0.70
C GLU B 449 -15.89 10.20 0.23
N ALA B 450 -16.88 10.65 1.00
CA ALA B 450 -17.56 9.76 1.97
C ALA B 450 -18.42 8.72 1.26
N HIS B 451 -18.57 8.85 -0.06
CA HIS B 451 -19.36 7.85 -0.84
C HIS B 451 -18.65 6.50 -0.76
N ARG B 452 -17.35 6.51 -0.43
CA ARG B 452 -16.57 5.24 -0.38
C ARG B 452 -16.55 4.70 1.05
N LEU B 453 -17.05 5.46 2.02
CA LEU B 453 -17.00 5.02 3.44
C LEU B 453 -17.69 3.65 3.60
N PRO B 454 -18.88 3.40 3.03
CA PRO B 454 -19.49 2.08 3.14
C PRO B 454 -18.57 0.96 2.65
N ASP B 455 -17.83 1.21 1.57
CA ASP B 455 -16.95 0.16 0.98
C ASP B 455 -15.87 -0.24 1.99
N TYR B 456 -15.27 0.76 2.65
CA TYR B 456 -14.20 0.48 3.65
C TYR B 456 -14.80 -0.32 4.79
N ALA B 457 -16.02 0.02 5.20
CA ALA B 457 -16.69 -0.71 6.31
C ALA B 457 -16.81 -2.18 5.94
N LEU B 458 -17.13 -2.48 4.69
CA LEU B 458 -17.30 -3.89 4.25
C LEU B 458 -16.00 -4.66 4.48
N ASN B 459 -14.85 -4.02 4.24
CA ASN B 459 -13.53 -4.69 4.40
C ASN B 459 -13.25 -4.95 5.89
N GLN B 460 -13.61 -4.02 6.76
CA GLN B 460 -13.30 -4.15 8.20
C GLN B 460 -14.48 -4.78 8.96
N VAL B 461 -15.33 -5.55 8.27
CA VAL B 461 -16.55 -6.12 8.92
C VAL B 461 -16.45 -7.64 8.96
N THR B 462 -15.38 -8.21 8.39
CA THR B 462 -15.29 -9.69 8.29
C THR B 462 -14.02 -10.22 8.91
N ASN B 463 -14.02 -11.48 9.34
CA ASN B 463 -12.81 -12.13 9.89
C ASN B 463 -12.49 -13.31 8.98
N GLU B 464 -11.24 -13.77 8.93
CA GLU B 464 -10.90 -14.83 7.94
C GLU B 464 -10.08 -15.97 8.56
N LEU B 465 -10.08 -17.13 7.90
CA LEU B 465 -9.26 -18.29 8.35
C LEU B 465 -8.46 -18.77 7.13
N SER B 466 -7.19 -18.38 7.02
CA SER B 466 -6.39 -18.72 5.82
C SER B 466 -5.48 -19.92 6.10
N TYR B 467 -5.26 -20.78 5.10
CA TYR B 467 -4.35 -21.94 5.26
C TYR B 467 -2.97 -21.41 5.61
N ALA B 468 -2.57 -20.31 4.96
CA ALA B 468 -1.21 -19.76 5.17
C ALA B 468 -1.03 -19.39 6.64
N ASP B 469 -1.99 -18.67 7.22
CA ASP B 469 -1.83 -18.22 8.62
C ASP B 469 -1.68 -19.46 9.51
N ILE B 470 -2.53 -20.46 9.30
CA ILE B 470 -2.48 -21.68 10.16
C ILE B 470 -1.12 -22.36 9.93
N LYS B 471 -0.67 -22.43 8.68
CA LYS B 471 0.63 -23.06 8.36
C LYS B 471 1.75 -22.34 9.13
N TYR B 472 1.76 -21.00 9.08
CA TYR B 472 2.81 -20.22 9.76
C TYR B 472 2.74 -20.49 11.25
N GLN B 473 1.53 -20.41 11.82
CA GLN B 473 1.37 -20.60 13.29
C GLN B 473 1.86 -22.01 13.66
N LEU B 474 1.45 -23.02 12.89
CA LEU B 474 1.86 -24.42 13.18
C LEU B 474 3.39 -24.51 13.12
N GLY B 475 4.01 -23.86 12.13
CA GLY B 475 5.47 -23.89 11.98
C GLY B 475 6.17 -23.26 13.17
N LEU B 476 5.59 -22.18 13.71
CA LEU B 476 6.18 -21.50 14.89
C LEU B 476 6.30 -22.52 16.03
N ILE B 477 5.32 -23.41 16.16
CA ILE B 477 5.34 -24.43 17.26
C ILE B 477 6.40 -25.49 16.94
N GLY B 478 6.44 -25.98 15.70
CA GLY B 478 7.43 -27.00 15.31
C GLY B 478 6.76 -28.33 15.05
N LYS B 479 7.45 -29.24 14.36
CA LYS B 479 6.86 -30.56 14.02
C LYS B 479 7.69 -31.70 14.63
N ASN B 480 8.98 -31.46 14.87
CA ASN B 480 9.87 -32.53 15.40
C ASN B 480 10.60 -32.04 16.64
N GLU B 481 11.28 -32.94 17.35
CA GLU B 481 11.97 -32.59 18.61
C GLU B 481 13.18 -31.69 18.33
N ASN B 482 13.44 -31.40 17.05
CA ASN B 482 14.58 -30.53 16.67
C ASN B 482 14.02 -29.28 15.98
N GLU B 483 12.75 -28.96 16.21
CA GLU B 483 12.12 -27.83 15.48
C GLU B 483 11.55 -26.77 16.43
N LYS B 484 12.20 -25.60 16.51
CA LYS B 484 11.67 -24.47 17.31
C LYS B 484 11.11 -24.89 18.67
N LEU B 485 9.92 -24.39 19.02
CA LEU B 485 9.36 -24.64 20.37
C LEU B 485 9.47 -26.12 20.77
N LEU B 486 9.16 -27.06 19.87
CA LEU B 486 9.17 -28.48 20.29
C LEU B 486 10.57 -28.84 20.81
N LYS B 487 11.61 -28.30 20.17
CA LYS B 487 13.00 -28.57 20.60
C LYS B 487 13.21 -28.04 22.02
N ALA B 488 12.71 -26.84 22.30
CA ALA B 488 12.86 -26.25 23.65
C ALA B 488 12.27 -27.19 24.68
N ILE B 489 11.09 -27.74 24.38
CA ILE B 489 10.40 -28.67 25.32
C ILE B 489 11.31 -29.89 25.54
N ASP B 490 11.88 -30.43 24.47
CA ASP B 490 12.75 -31.63 24.57
C ASP B 490 13.89 -31.32 25.55
N GLN B 491 14.52 -30.15 25.39
CA GLN B 491 15.67 -29.78 26.25
C GLN B 491 15.19 -29.73 27.71
N LEU B 492 14.02 -29.15 27.96
CA LEU B 492 13.51 -29.03 29.35
C LEU B 492 13.39 -30.44 29.95
N GLU B 493 12.81 -31.37 29.20
CA GLU B 493 12.65 -32.76 29.70
C GLU B 493 14.05 -33.36 29.93
N LYS B 494 14.96 -33.14 28.99
CA LYS B 494 16.35 -33.65 29.14
C LYS B 494 16.93 -33.12 30.45
N GLN B 495 16.74 -31.83 30.71
CA GLN B 495 17.26 -31.21 31.95
C GLN B 495 16.62 -31.90 33.17
N ARG B 496 15.31 -32.12 33.13
CA ARG B 496 14.62 -32.77 34.27
C ARG B 496 15.24 -34.16 34.48
N ILE B 497 15.52 -34.88 33.40
CA ILE B 497 16.07 -36.26 33.52
C ILE B 497 17.53 -36.22 33.98
N LEU B 498 18.35 -35.33 33.40
CA LEU B 498 19.80 -35.31 33.73
C LEU B 498 20.10 -34.21 34.75
N GLU B 499 19.91 -32.95 34.38
CA GLU B 499 20.24 -31.81 35.28
C GLU B 499 19.29 -31.79 36.47
N LYS B 500 18.29 -32.67 36.48
CA LYS B 500 17.34 -32.79 37.62
C LYS B 500 16.74 -31.41 37.93
N LEU B 501 16.12 -30.77 36.94
CA LEU B 501 15.43 -29.48 37.20
C LEU B 501 14.16 -29.78 37.99
N ASP B 502 13.73 -28.85 38.83
CA ASP B 502 12.48 -29.05 39.63
C ASP B 502 11.29 -28.71 38.74
N ILE B 503 11.06 -29.50 37.69
CA ILE B 503 9.91 -29.25 36.76
C ILE B 503 9.10 -30.55 36.63
N ALA B 504 7.78 -30.43 36.51
CA ALA B 504 6.91 -31.62 36.38
C ALA B 504 7.19 -32.32 35.05
N PRO B 505 6.90 -33.62 34.92
CA PRO B 505 7.20 -34.35 33.69
C PRO B 505 6.59 -33.66 32.49
N ILE B 506 7.36 -33.57 31.40
CA ILE B 506 6.84 -32.94 30.14
C ILE B 506 6.79 -34.04 29.05
N ASP B 507 5.60 -34.41 28.60
CA ASP B 507 5.46 -35.50 27.60
C ASP B 507 5.76 -34.94 26.21
N ILE B 508 7.04 -34.83 25.86
CA ILE B 508 7.43 -34.33 24.51
C ILE B 508 6.87 -35.29 23.46
N PHE B 509 6.90 -36.61 23.75
CA PHE B 509 6.39 -37.62 22.79
C PHE B 509 4.96 -37.27 22.45
N GLY B 510 4.12 -37.13 23.47
CA GLY B 510 2.70 -36.84 23.24
C GLY B 510 2.52 -35.55 22.47
N LEU B 511 3.25 -34.50 22.85
CA LEU B 511 3.11 -33.19 22.19
C LEU B 511 3.40 -33.35 20.70
N LYS B 512 4.49 -34.05 20.36
CA LYS B 512 4.88 -34.18 18.94
C LYS B 512 3.74 -34.91 18.19
N ALA B 513 3.27 -36.02 18.73
CA ALA B 513 2.19 -36.79 18.07
C ALA B 513 0.94 -35.92 18.01
N SER B 514 0.67 -35.17 19.08
CA SER B 514 -0.52 -34.31 19.13
C SER B 514 -0.45 -33.25 18.02
N MET B 515 0.71 -32.59 17.88
CA MET B 515 0.84 -31.51 16.87
C MET B 515 0.69 -32.11 15.47
N ASN B 516 1.21 -33.32 15.27
CA ASN B 516 1.07 -34.00 13.95
C ASN B 516 -0.42 -34.23 13.67
N GLU B 517 -1.16 -34.70 14.68
CA GLU B 517 -2.61 -34.95 14.51
C GLU B 517 -3.29 -33.63 14.14
N ILE B 518 -2.96 -32.55 14.86
CA ILE B 518 -3.60 -31.22 14.61
C ILE B 518 -3.35 -30.85 13.14
N HIS B 519 -2.15 -31.11 12.64
CA HIS B 519 -1.81 -30.76 11.22
C HIS B 519 -2.77 -31.52 10.29
N GLU B 520 -2.96 -32.81 10.54
CA GLU B 520 -3.83 -33.63 9.66
C GLU B 520 -5.27 -33.11 9.77
N LEU B 521 -5.70 -32.74 10.98
CA LEU B 521 -7.06 -32.19 11.16
C LEU B 521 -7.20 -30.91 10.33
N ASN B 522 -6.15 -30.08 10.31
CA ASN B 522 -6.17 -28.82 9.51
C ASN B 522 -6.30 -29.18 8.03
N GLU B 523 -5.55 -30.18 7.57
CA GLU B 523 -5.61 -30.59 6.15
C GLU B 523 -7.04 -31.04 5.84
N GLN B 524 -7.66 -31.79 6.75
CA GLN B 524 -9.05 -32.27 6.55
C GLN B 524 -9.98 -31.06 6.39
N LEU B 525 -9.82 -30.06 7.25
CA LEU B 525 -10.71 -28.87 7.20
C LEU B 525 -10.61 -28.23 5.80
N PHE B 526 -9.41 -27.97 5.33
CA PHE B 526 -9.25 -27.28 4.03
C PHE B 526 -9.62 -28.24 2.90
N SER B 527 -9.41 -29.54 3.10
CA SER B 527 -9.84 -30.51 2.07
C SER B 527 -11.37 -30.47 1.96
N THR B 528 -12.06 -30.38 3.10
CA THR B 528 -13.53 -30.32 3.10
C THR B 528 -13.96 -29.08 2.35
N ILE B 529 -13.33 -27.94 2.66
CA ILE B 529 -13.71 -26.66 2.00
C ILE B 529 -13.46 -26.79 0.49
N PHE B 530 -12.35 -27.42 0.10
CA PHE B 530 -12.00 -27.55 -1.34
C PHE B 530 -13.05 -28.41 -2.03
N THR B 531 -13.46 -29.49 -1.37
CA THR B 531 -14.50 -30.37 -1.95
C THR B 531 -15.76 -29.57 -2.13
N ILE B 532 -16.13 -28.75 -1.14
CA ILE B 532 -17.33 -27.89 -1.24
C ILE B 532 -17.17 -26.97 -2.46
N ILE B 533 -15.99 -26.35 -2.60
CA ILE B 533 -15.76 -25.40 -3.72
C ILE B 533 -16.06 -26.12 -5.05
N ASN B 534 -15.58 -27.36 -5.20
CA ASN B 534 -15.76 -28.10 -6.47
C ASN B 534 -17.22 -28.57 -6.60
N ASP B 535 -17.88 -28.86 -5.48
CA ASP B 535 -19.26 -29.40 -5.53
C ASP B 535 -20.28 -28.27 -5.44
N SER B 536 -19.83 -27.01 -5.52
CA SER B 536 -20.74 -25.86 -5.39
C SER B 536 -20.53 -24.87 -6.54
N ASP B 537 -21.40 -23.87 -6.65
CA ASP B 537 -21.28 -22.86 -7.74
C ASP B 537 -20.19 -21.86 -7.39
N VAL B 538 -19.28 -21.59 -8.33
CA VAL B 538 -18.13 -20.66 -8.05
C VAL B 538 -18.24 -19.45 -8.99
N TYR B 539 -18.07 -18.24 -8.44
CA TYR B 539 -18.18 -17.00 -9.25
C TYR B 539 -16.86 -16.25 -9.19
N ASP B 540 -16.31 -15.90 -10.36
CA ASP B 540 -15.00 -15.18 -10.42
C ASP B 540 -15.22 -13.72 -10.03
N ASP B 541 -14.19 -13.07 -9.47
CA ASP B 541 -14.29 -11.63 -9.13
C ASP B 541 -14.10 -10.80 -10.41
N ASP B 542 -14.50 -9.54 -10.41
CA ASP B 542 -14.42 -8.70 -11.64
C ASP B 542 -12.96 -8.59 -12.10
N ILE B 543 -12.02 -8.40 -11.16
CA ILE B 543 -10.59 -8.22 -11.53
C ILE B 543 -10.01 -9.60 -11.89
N HIS B 544 -10.81 -10.65 -11.79
CA HIS B 544 -10.35 -12.02 -12.13
C HIS B 544 -9.09 -12.34 -11.31
N ARG B 545 -9.09 -11.95 -10.03
CA ARG B 545 -7.96 -12.25 -9.13
C ARG B 545 -8.30 -13.47 -8.29
N PHE B 546 -9.53 -13.50 -7.75
CA PHE B 546 -9.95 -14.62 -6.86
C PHE B 546 -11.22 -15.24 -7.37
N HIS B 547 -11.59 -16.40 -6.83
CA HIS B 547 -12.88 -17.04 -7.19
C HIS B 547 -13.62 -17.29 -5.87
N ASN B 548 -14.89 -16.91 -5.78
CA ASN B 548 -15.58 -17.00 -4.47
C ASN B 548 -16.78 -17.95 -4.53
N VAL B 549 -17.02 -18.70 -3.46
CA VAL B 549 -18.22 -19.59 -3.37
C VAL B 549 -19.10 -19.02 -2.26
N PHE B 550 -20.38 -18.78 -2.54
CA PHE B 550 -21.25 -18.11 -1.53
C PHE B 550 -22.24 -19.11 -0.94
N THR B 551 -22.86 -19.95 -1.78
CA THR B 551 -23.89 -20.88 -1.28
C THR B 551 -23.25 -22.22 -0.97
N PHE B 552 -23.19 -22.59 0.31
CA PHE B 552 -22.55 -23.87 0.72
C PHE B 552 -23.09 -24.30 2.08
N GLU B 553 -22.81 -25.54 2.47
CA GLU B 553 -23.26 -26.07 3.78
C GLU B 553 -22.08 -26.02 4.77
N THR B 554 -22.30 -25.49 5.98
CA THR B 554 -21.20 -25.33 6.95
C THR B 554 -21.18 -26.50 7.92
N LYS B 555 -21.99 -27.53 7.66
CA LYS B 555 -22.10 -28.67 8.61
C LYS B 555 -20.74 -29.34 8.82
N ASP B 556 -20.14 -29.84 7.74
CA ASP B 556 -18.86 -30.60 7.86
C ASP B 556 -17.74 -29.64 8.30
N ILE B 557 -17.76 -28.41 7.82
CA ILE B 557 -16.71 -27.41 8.21
C ILE B 557 -16.71 -27.29 9.74
N LEU B 558 -17.90 -27.13 10.34
CA LEU B 558 -17.98 -26.94 11.81
C LEU B 558 -17.49 -28.20 12.53
N LYS B 559 -17.80 -29.38 11.98
CA LYS B 559 -17.37 -30.65 12.61
C LYS B 559 -15.83 -30.68 12.66
N ASP B 560 -15.20 -30.36 11.53
CA ASP B 560 -13.70 -30.38 11.46
C ASP B 560 -13.16 -29.34 12.45
N LEU B 561 -13.78 -28.16 12.51
CA LEU B 561 -13.32 -27.09 13.43
C LEU B 561 -13.41 -27.60 14.87
N HIS B 562 -14.52 -28.25 15.23
CA HIS B 562 -14.70 -28.72 16.62
C HIS B 562 -13.55 -29.67 16.99
N ALA B 563 -13.25 -30.61 16.11
CA ALA B 563 -12.21 -31.62 16.42
C ALA B 563 -10.88 -30.92 16.66
N ILE B 564 -10.50 -30.00 15.77
CA ILE B 564 -9.16 -29.36 15.91
C ILE B 564 -9.12 -28.53 17.19
N ILE B 565 -10.20 -27.82 17.51
CA ILE B 565 -10.24 -27.00 18.76
C ILE B 565 -10.08 -27.95 19.95
N ASP B 566 -10.79 -29.08 19.93
CA ASP B 566 -10.73 -30.03 21.08
C ASP B 566 -9.30 -30.57 21.23
N LYS B 567 -8.67 -30.98 20.12
CA LYS B 567 -7.31 -31.55 20.18
C LYS B 567 -6.36 -30.48 20.72
N LEU B 568 -6.49 -29.25 20.20
CA LEU B 568 -5.62 -28.14 20.66
C LEU B 568 -5.81 -27.96 22.17
N ASN B 569 -7.07 -28.02 22.62
CA ASN B 569 -7.36 -27.85 24.07
C ASN B 569 -6.67 -28.97 24.85
N LYS B 570 -6.80 -30.22 24.38
CA LYS B 570 -6.22 -31.37 25.11
C LYS B 570 -4.69 -31.18 25.20
N THR B 571 -4.08 -30.74 24.10
CA THR B 571 -2.61 -30.53 24.08
C THR B 571 -2.27 -29.51 25.15
N LEU B 572 -3.06 -28.45 25.26
CA LEU B 572 -2.80 -27.39 26.28
C LEU B 572 -2.92 -27.99 27.69
N GLU B 573 -3.89 -28.88 27.90
CA GLU B 573 -4.10 -29.46 29.25
C GLU B 573 -2.82 -30.17 29.73
N ILE B 574 -2.15 -30.89 28.83
CA ILE B 574 -0.91 -31.63 29.20
C ILE B 574 0.00 -30.66 29.96
N PHE B 575 0.03 -29.39 29.57
CA PHE B 575 0.94 -28.41 30.19
C PHE B 575 0.18 -27.50 31.14
N ASN B 576 -0.82 -28.04 31.84
CA ASN B 576 -1.54 -27.22 32.87
C ASN B 576 -0.76 -27.29 34.17
N GLY B 577 -1.05 -26.38 35.10
CA GLY B 577 -0.33 -26.36 36.40
C GLY B 577 1.17 -26.26 36.18
N ILE B 578 1.60 -25.31 35.34
CA ILE B 578 3.04 -25.16 35.03
C ILE B 578 3.40 -23.67 35.08
N SER B 579 4.68 -23.32 35.09
CA SER B 579 5.06 -21.90 35.24
C SER B 579 6.32 -21.58 34.42
N HIS B 580 7.00 -22.59 33.89
CA HIS B 580 8.27 -22.34 33.16
C HIS B 580 7.99 -21.44 31.96
N LYS B 581 8.89 -20.51 31.68
CA LYS B 581 8.67 -19.55 30.56
C LYS B 581 8.48 -20.33 29.26
N THR B 582 9.35 -21.30 28.98
CA THR B 582 9.27 -22.04 27.72
C THR B 582 7.88 -22.60 27.57
N VAL B 583 7.39 -23.30 28.59
CA VAL B 583 6.07 -23.97 28.47
C VAL B 583 4.98 -22.88 28.53
N LYS B 584 5.23 -21.80 29.25
CA LYS B 584 4.25 -20.68 29.27
C LYS B 584 4.12 -20.15 27.85
N SER B 585 5.24 -20.03 27.14
CA SER B 585 5.21 -19.56 25.74
C SER B 585 4.40 -20.55 24.90
N LEU B 586 4.81 -21.82 24.92
CA LEU B 586 4.10 -22.83 24.14
C LEU B 586 2.60 -22.79 24.42
N ARG B 587 2.22 -22.59 25.69
CA ARG B 587 0.82 -22.46 26.04
C ARG B 587 0.19 -21.25 25.36
N LYS B 588 0.90 -20.11 25.36
CA LYS B 588 0.36 -18.91 24.72
C LYS B 588 0.13 -19.13 23.23
N GLN B 589 1.13 -19.71 22.55
CA GLN B 589 1.01 -19.95 21.11
C GLN B 589 -0.12 -20.92 20.80
N LEU B 590 -0.15 -22.07 21.47
CA LEU B 590 -1.20 -23.04 21.26
C LEU B 590 -2.57 -22.41 21.48
N LEU B 591 -2.72 -21.67 22.59
CA LEU B 591 -3.98 -20.99 22.83
C LEU B 591 -4.32 -20.02 21.71
N TYR B 592 -3.30 -19.41 21.10
CA TYR B 592 -3.52 -18.47 20.01
C TYR B 592 -4.12 -19.18 18.79
N LEU B 593 -3.51 -20.29 18.37
CA LEU B 593 -4.09 -21.12 17.31
C LEU B 593 -5.52 -21.53 17.66
N LYS B 594 -5.71 -21.99 18.90
CA LYS B 594 -7.02 -22.46 19.33
C LYS B 594 -8.07 -21.35 19.19
N ASP B 595 -7.70 -20.11 19.48
CA ASP B 595 -8.65 -19.02 19.30
C ASP B 595 -8.85 -18.67 17.84
N LYS B 596 -7.82 -18.80 17.00
CA LYS B 596 -8.02 -18.58 15.57
C LYS B 596 -9.04 -19.54 14.99
N PHE B 597 -9.11 -20.77 15.52
CA PHE B 597 -10.17 -21.66 15.05
C PHE B 597 -11.50 -21.41 15.76
N LYS B 598 -11.45 -21.25 17.08
CA LYS B 598 -12.65 -21.16 17.89
C LYS B 598 -13.47 -19.92 17.54
N ASN B 599 -12.81 -18.85 17.08
CA ASN B 599 -13.55 -17.65 16.70
C ASN B 599 -14.40 -17.91 15.46
N ILE B 600 -13.80 -18.46 14.41
CA ILE B 600 -14.57 -18.78 13.21
C ILE B 600 -15.67 -19.78 13.53
N GLU B 601 -15.37 -20.76 14.39
CA GLU B 601 -16.41 -21.72 14.78
C GLU B 601 -17.56 -21.00 15.47
N GLN B 602 -17.25 -20.08 16.39
CA GLN B 602 -18.29 -19.32 17.08
C GLN B 602 -19.13 -18.52 16.09
N SER B 603 -18.48 -17.91 15.09
CA SER B 603 -19.22 -17.10 14.14
C SER B 603 -20.15 -17.95 13.28
N LEU B 604 -19.70 -19.12 12.83
CA LEU B 604 -20.57 -20.00 12.07
C LEU B 604 -21.71 -20.53 12.94
N LYS B 605 -21.41 -20.88 14.20
CA LYS B 605 -22.47 -21.32 15.11
C LYS B 605 -23.45 -20.19 15.43
N ALA B 606 -23.02 -18.94 15.29
CA ALA B 606 -23.90 -17.81 15.54
C ALA B 606 -24.79 -17.47 14.36
N GLY B 607 -24.70 -18.23 13.26
CA GLY B 607 -25.48 -17.95 12.08
C GLY B 607 -24.98 -16.81 11.23
N HIS B 608 -23.75 -16.35 11.45
CA HIS B 608 -23.22 -15.23 10.70
C HIS B 608 -23.08 -15.56 9.22
N THR B 609 -23.20 -14.54 8.39
CA THR B 609 -22.95 -14.70 6.96
C THR B 609 -21.49 -15.03 6.71
N SER B 610 -21.25 -16.01 5.85
CA SER B 610 -19.90 -16.48 5.54
C SER B 610 -19.80 -16.78 4.06
N PHE B 611 -18.56 -16.82 3.58
CA PHE B 611 -18.30 -17.19 2.19
C PHE B 611 -16.85 -17.65 2.08
N ILE B 612 -16.56 -18.39 1.02
CA ILE B 612 -15.26 -19.00 0.79
C ILE B 612 -14.57 -18.29 -0.37
N SER B 613 -13.30 -17.96 -0.17
CA SER B 613 -12.47 -17.40 -1.22
C SER B 613 -11.36 -18.39 -1.56
N ILE B 614 -11.01 -18.48 -2.84
CA ILE B 614 -9.88 -19.31 -3.27
C ILE B 614 -9.19 -18.57 -4.40
N LYS B 615 -7.85 -18.47 -4.30
CA LYS B 615 -7.08 -17.68 -5.26
C LYS B 615 -6.75 -18.49 -6.51
N ASN B 616 -6.48 -19.78 -6.34
CA ASN B 616 -6.17 -20.68 -7.44
C ASN B 616 -7.04 -21.92 -7.29
N LEU B 617 -7.90 -22.17 -8.29
CA LEU B 617 -8.91 -23.23 -8.17
C LEU B 617 -8.31 -24.63 -8.07
N SER B 618 -6.98 -24.73 -8.09
CA SER B 618 -6.29 -26.00 -8.02
C SER B 618 -5.54 -26.20 -6.71
N GLN B 619 -5.21 -25.14 -5.99
CA GLN B 619 -4.37 -25.20 -4.80
C GLN B 619 -5.24 -24.89 -3.59
N LYS B 620 -5.60 -25.93 -2.83
CA LYS B 620 -6.33 -25.72 -1.59
C LYS B 620 -5.58 -24.82 -0.61
N SER B 621 -4.29 -24.60 -0.83
CA SER B 621 -3.48 -23.75 0.04
C SER B 621 -3.77 -22.27 -0.16
N THR B 622 -4.65 -21.90 -1.09
CA THR B 622 -5.06 -20.51 -1.27
C THR B 622 -6.44 -20.25 -0.68
N ILE B 623 -6.98 -21.18 0.12
CA ILE B 623 -8.35 -21.10 0.59
C ILE B 623 -8.42 -20.15 1.79
N ARG B 624 -9.42 -19.28 1.78
CA ARG B 624 -9.75 -18.43 2.92
C ARG B 624 -11.24 -18.56 3.22
N LEU B 625 -11.57 -18.53 4.51
CA LEU B 625 -12.96 -18.65 4.96
C LEU B 625 -13.34 -17.38 5.70
N TYR B 626 -14.25 -16.60 5.11
CA TYR B 626 -14.68 -15.33 5.68
C TYR B 626 -16.02 -15.49 6.39
N VAL B 627 -16.17 -14.80 7.52
CA VAL B 627 -17.42 -14.70 8.26
C VAL B 627 -17.69 -13.23 8.55
N LYS B 628 -18.95 -12.84 8.51
CA LYS B 628 -19.36 -11.46 8.77
C LYS B 628 -19.67 -11.31 10.25
N ASP B 629 -18.79 -10.61 10.98
CA ASP B 629 -18.91 -10.47 12.42
C ASP B 629 -19.52 -9.14 12.84
N TYR B 630 -19.74 -8.20 11.93
CA TYR B 630 -20.40 -6.95 12.24
C TYR B 630 -21.27 -6.54 11.06
N ALA B 631 -22.12 -5.54 11.29
CA ALA B 631 -22.95 -4.95 10.25
C ALA B 631 -22.37 -3.59 9.84
N VAL B 632 -22.42 -3.30 8.54
CA VAL B 632 -21.73 -2.10 8.08
C VAL B 632 -22.52 -0.84 8.41
N LYS B 633 -23.86 -0.89 8.41
CA LYS B 633 -24.61 0.24 8.98
C LYS B 633 -24.26 0.44 10.44
N ASP B 634 -24.18 -0.67 11.18
CA ASP B 634 -23.78 -0.63 12.58
C ASP B 634 -22.41 0.02 12.75
N VAL B 635 -21.43 -0.41 11.95
CA VAL B 635 -20.08 0.13 12.07
C VAL B 635 -20.06 1.61 11.72
N LEU B 636 -20.75 1.97 10.62
CA LEU B 636 -20.78 3.37 10.20
C LEU B 636 -21.41 4.26 11.27
N THR B 637 -22.35 3.72 12.04
CA THR B 637 -22.99 4.54 13.07
C THR B 637 -22.14 4.59 14.35
N LYS B 638 -21.90 3.43 14.96
CA LYS B 638 -21.23 3.41 16.26
C LYS B 638 -19.81 3.96 16.18
N GLN B 639 -19.14 3.79 15.04
CA GLN B 639 -17.73 4.12 14.92
C GLN B 639 -17.46 5.44 14.21
N VAL B 640 -18.48 6.10 13.68
CA VAL B 640 -18.28 7.38 13.00
C VAL B 640 -19.31 8.40 13.46
N LEU B 641 -20.59 8.12 13.19
CA LEU B 641 -21.64 9.08 13.47
C LEU B 641 -21.73 9.41 14.95
N GLU B 642 -21.58 8.41 15.81
CA GLU B 642 -21.74 8.60 17.24
C GLU B 642 -20.44 8.93 17.96
N LYS B 643 -19.32 9.00 17.23
CA LYS B 643 -18.01 9.28 17.82
C LYS B 643 -17.58 10.73 17.70
N PHE B 644 -18.33 11.54 16.94
CA PHE B 644 -17.92 12.91 16.66
C PHE B 644 -19.08 13.86 16.97
N LYS B 645 -18.73 15.04 17.50
CA LYS B 645 -19.74 16.03 17.85
C LYS B 645 -20.20 16.84 16.63
N SER B 646 -19.34 16.90 15.62
CA SER B 646 -19.66 17.72 14.43
C SER B 646 -19.20 17.01 13.16
N LEU B 647 -19.90 15.96 12.74
CA LEU B 647 -19.51 15.22 11.52
C LEU B 647 -19.84 16.07 10.29
N ILE B 648 -19.00 16.05 9.27
CA ILE B 648 -19.32 16.81 8.03
C ILE B 648 -18.98 15.98 6.81
N PHE B 649 -19.98 15.39 6.18
CA PHE B 649 -19.79 14.55 5.00
C PHE B 649 -19.67 15.39 3.74
N ILE B 650 -18.49 15.39 3.13
CA ILE B 650 -18.26 16.16 1.87
C ILE B 650 -17.90 15.18 0.74
N SER B 651 -18.69 15.15 -0.33
CA SER B 651 -18.37 14.29 -1.49
C SER B 651 -19.05 14.85 -2.75
N GLY B 652 -18.45 14.63 -3.92
CA GLY B 652 -19.03 15.10 -5.18
C GLY B 652 -20.32 14.37 -5.49
N THR B 653 -20.43 13.12 -5.04
CA THR B 653 -21.63 12.30 -5.32
C THR B 653 -22.21 11.79 -4.02
N LEU B 654 -23.40 12.27 -3.64
CA LEU B 654 -24.01 11.86 -2.35
C LEU B 654 -25.54 11.77 -2.51
N LYS B 655 -26.08 11.90 -3.73
CA LYS B 655 -27.56 11.92 -3.83
C LYS B 655 -28.13 11.07 -4.98
N PHE B 656 -29.11 10.21 -4.67
CA PHE B 656 -29.84 9.45 -5.73
C PHE B 656 -31.12 10.26 -5.90
N ASN B 657 -31.95 10.04 -6.93
CA ASN B 657 -33.10 10.97 -7.03
C ASN B 657 -32.59 12.39 -6.88
N HIS B 658 -33.16 13.14 -5.95
CA HIS B 658 -32.63 14.52 -5.78
C HIS B 658 -32.42 14.76 -4.29
N SER B 659 -32.49 13.71 -3.48
CA SER B 659 -32.27 13.90 -2.03
C SER B 659 -31.10 13.05 -1.58
N PHE B 660 -30.71 13.22 -0.32
CA PHE B 660 -29.58 12.47 0.30
C PHE B 660 -30.15 11.32 1.12
N GLU B 661 -31.45 11.06 0.99
CA GLU B 661 -32.06 10.00 1.82
C GLU B 661 -31.35 8.66 1.61
N ALA B 662 -30.74 8.45 0.45
CA ALA B 662 -30.11 7.14 0.27
C ALA B 662 -28.81 7.05 1.06
N PHE B 663 -28.01 8.11 1.05
CA PHE B 663 -26.74 8.11 1.82
C PHE B 663 -27.05 8.08 3.30
N LYS B 664 -28.16 8.72 3.70
CA LYS B 664 -28.51 8.81 5.13
C LYS B 664 -29.01 7.46 5.65
N GLN B 665 -29.61 6.66 4.78
CA GLN B 665 -30.20 5.36 5.22
C GLN B 665 -29.09 4.40 5.64
N LEU B 666 -27.85 4.68 5.26
CA LEU B 666 -26.70 3.82 5.66
C LEU B 666 -26.43 4.02 7.15
N PHE B 667 -27.21 4.89 7.81
CA PHE B 667 -27.04 5.12 9.25
C PHE B 667 -28.25 4.57 9.98
N ASN B 668 -28.09 4.25 11.27
CA ASN B 668 -29.16 3.60 12.05
C ASN B 668 -30.06 4.63 12.72
N LYS B 669 -29.54 5.31 13.74
CA LYS B 669 -30.32 6.35 14.41
C LYS B 669 -30.66 7.45 13.41
N ASP B 670 -31.94 7.76 13.29
CA ASP B 670 -32.38 8.83 12.40
C ASP B 670 -31.96 10.16 13.00
N VAL B 671 -30.83 10.68 12.53
CA VAL B 671 -30.22 11.89 13.05
C VAL B 671 -30.38 13.00 12.01
N HIS B 672 -30.69 14.21 12.49
CA HIS B 672 -30.85 15.33 11.58
C HIS B 672 -29.51 15.78 11.03
N PHE B 673 -29.44 15.93 9.70
CA PHE B 673 -28.29 16.47 9.01
C PHE B 673 -28.68 17.75 8.29
N ASN B 674 -27.66 18.47 7.82
CA ASN B 674 -27.85 19.66 7.01
C ASN B 674 -27.31 19.37 5.61
N THR B 675 -28.17 19.56 4.60
CA THR B 675 -27.77 19.26 3.21
C THR B 675 -27.44 20.55 2.50
N PHE B 676 -26.29 20.58 1.82
CA PHE B 676 -25.88 21.78 1.03
C PHE B 676 -25.33 21.31 -0.31
N GLU B 677 -25.45 22.13 -1.34
CA GLU B 677 -24.98 21.72 -2.69
C GLU B 677 -24.19 22.86 -3.34
N VAL B 678 -22.86 22.77 -3.35
CA VAL B 678 -22.07 23.80 -4.08
C VAL B 678 -21.77 23.22 -5.48
N ASN B 679 -22.64 23.52 -6.45
CA ASN B 679 -22.50 22.89 -7.81
C ASN B 679 -21.20 23.28 -8.49
N THR B 680 -20.91 24.59 -8.60
CA THR B 680 -19.65 25.06 -9.24
C THR B 680 -19.55 24.48 -10.64
N SER B 681 -20.66 24.02 -11.22
CA SER B 681 -20.61 23.36 -12.55
C SER B 681 -20.12 24.35 -13.61
N LEU B 682 -20.69 25.56 -13.64
CA LEU B 682 -20.23 26.61 -14.58
C LEU B 682 -20.28 26.13 -16.03
N GLN B 683 -19.26 26.46 -16.82
CA GLN B 683 -19.24 26.13 -18.27
C GLN B 683 -19.22 24.61 -18.48
N SER B 684 -18.57 23.86 -17.59
CA SER B 684 -18.44 22.39 -17.78
C SER B 684 -19.74 21.83 -18.40
N ALA B 685 -20.86 22.04 -17.73
CA ALA B 685 -22.15 21.50 -18.21
C ALA B 685 -22.29 21.63 -19.73
N LYS B 686 -21.81 22.75 -20.30
CA LYS B 686 -22.02 22.97 -21.75
C LYS B 686 -20.77 22.60 -22.54
N ASN B 687 -19.59 22.86 -21.98
CA ASN B 687 -18.35 22.42 -22.68
C ASN B 687 -18.49 20.92 -22.99
N THR B 688 -19.15 20.17 -22.11
CA THR B 688 -19.28 18.71 -22.30
C THR B 688 -20.47 18.39 -23.16
N SER B 689 -20.48 17.20 -23.79
CA SER B 689 -21.63 16.76 -24.60
C SER B 689 -21.84 15.25 -24.41
N VAL B 690 -23.05 14.75 -24.66
CA VAL B 690 -23.36 13.32 -24.42
C VAL B 690 -23.92 12.69 -25.71
N PHE B 691 -23.51 11.46 -26.03
CA PHE B 691 -24.04 10.76 -27.22
C PHE B 691 -24.54 9.39 -26.80
N ILE B 692 -25.78 9.06 -27.17
CA ILE B 692 -26.36 7.77 -26.82
C ILE B 692 -26.64 6.98 -28.11
N PRO B 693 -25.64 6.23 -28.62
CA PRO B 693 -25.81 5.52 -29.90
C PRO B 693 -27.10 4.73 -30.04
N SER B 694 -27.75 4.88 -31.20
CA SER B 694 -28.98 4.18 -31.52
C SER B 694 -28.75 2.98 -32.43
N ASP B 695 -27.52 2.80 -32.89
CA ASP B 695 -27.21 1.67 -33.81
C ASP B 695 -26.43 0.60 -33.04
N VAL B 696 -26.49 0.65 -31.71
CA VAL B 696 -25.83 -0.40 -30.89
C VAL B 696 -26.93 -1.34 -30.35
N ALA B 697 -26.63 -2.64 -30.28
CA ALA B 697 -27.67 -3.61 -29.85
C ALA B 697 -27.81 -3.60 -28.33
N SER B 698 -28.66 -4.48 -27.80
CA SER B 698 -28.85 -4.58 -26.34
C SER B 698 -27.70 -5.40 -25.73
N TYR B 699 -27.09 -4.90 -24.65
CA TYR B 699 -26.00 -5.63 -23.98
C TYR B 699 -26.53 -6.98 -23.53
N GLN B 700 -25.81 -8.05 -23.86
CA GLN B 700 -26.23 -9.41 -23.42
C GLN B 700 -24.98 -10.27 -23.20
N TYR B 701 -24.85 -10.87 -22.02
CA TYR B 701 -23.70 -11.78 -21.74
C TYR B 701 -23.80 -12.95 -22.71
N LYS B 702 -24.98 -13.18 -23.29
CA LYS B 702 -25.14 -14.25 -24.29
C LYS B 702 -24.23 -13.98 -25.49
N ASN B 703 -24.36 -12.80 -26.10
CA ASN B 703 -23.56 -12.47 -27.31
C ASN B 703 -22.85 -11.13 -27.09
N ILE B 704 -21.79 -11.13 -26.30
CA ILE B 704 -21.00 -9.89 -26.05
C ILE B 704 -20.22 -9.53 -27.32
N ASP B 705 -20.12 -10.48 -28.26
CA ASP B 705 -19.30 -10.26 -29.48
C ASP B 705 -19.79 -9.06 -30.28
N GLU B 706 -21.08 -8.99 -30.61
CA GLU B 706 -21.57 -7.89 -31.47
C GLU B 706 -21.45 -6.57 -30.69
N TYR B 707 -21.63 -6.60 -29.38
CA TYR B 707 -21.58 -5.37 -28.56
C TYR B 707 -20.15 -4.81 -28.60
N VAL B 708 -19.17 -5.69 -28.38
CA VAL B 708 -17.74 -5.22 -28.37
C VAL B 708 -17.39 -4.75 -29.79
N ALA B 709 -17.96 -5.39 -30.81
CA ALA B 709 -17.71 -4.96 -32.21
C ALA B 709 -18.27 -3.55 -32.41
N SER B 710 -19.45 -3.29 -31.86
CA SER B 710 -19.96 -1.92 -31.97
C SER B 710 -19.07 -0.95 -31.21
N ILE B 711 -18.62 -1.33 -30.01
CA ILE B 711 -17.76 -0.45 -29.22
C ILE B 711 -16.47 -0.15 -29.98
N VAL B 712 -15.85 -1.17 -30.57
CA VAL B 712 -14.62 -0.91 -31.31
C VAL B 712 -14.92 -0.10 -32.57
N SER B 713 -16.10 -0.27 -33.16
CA SER B 713 -16.49 0.62 -34.26
C SER B 713 -16.47 2.08 -33.83
N TYR B 714 -17.02 2.37 -32.65
CA TYR B 714 -17.06 3.75 -32.19
C TYR B 714 -15.65 4.27 -31.88
N ILE B 715 -14.81 3.44 -31.24
CA ILE B 715 -13.43 3.84 -30.98
C ILE B 715 -12.72 4.15 -32.29
N ILE B 716 -12.95 3.35 -33.31
CA ILE B 716 -12.39 3.60 -34.64
C ILE B 716 -12.81 4.98 -35.14
N GLU B 717 -14.13 5.20 -35.22
CA GLU B 717 -14.63 6.46 -35.77
C GLU B 717 -14.04 7.65 -35.03
N TYR B 718 -14.14 7.65 -33.69
CA TYR B 718 -13.58 8.73 -32.89
C TYR B 718 -12.11 8.95 -33.22
N THR B 719 -11.32 7.88 -33.17
CA THR B 719 -9.87 8.02 -33.28
C THR B 719 -9.45 8.49 -34.66
N THR B 720 -10.14 8.05 -35.72
CA THR B 720 -9.77 8.49 -37.05
C THR B 720 -10.17 9.95 -37.28
N ILE B 721 -11.30 10.37 -36.69
CA ILE B 721 -11.73 11.74 -36.91
C ILE B 721 -10.89 12.72 -36.12
N THR B 722 -10.60 12.41 -34.86
CA THR B 722 -9.79 13.27 -33.99
C THR B 722 -8.71 12.44 -33.31
N SER B 723 -7.45 12.77 -33.57
CA SER B 723 -6.32 12.00 -33.06
C SER B 723 -6.01 12.43 -31.63
N SER B 724 -6.94 12.10 -30.73
CA SER B 724 -6.84 12.48 -29.32
C SER B 724 -7.07 11.25 -28.45
N LYS B 725 -7.02 11.45 -27.13
CA LYS B 725 -7.15 10.35 -26.19
C LYS B 725 -8.61 9.92 -26.06
N CYS B 726 -8.80 8.72 -25.54
CA CYS B 726 -10.12 8.15 -25.31
C CYS B 726 -10.04 7.27 -24.08
N LEU B 727 -11.12 7.22 -23.31
CA LEU B 727 -11.15 6.38 -22.08
C LEU B 727 -12.44 5.55 -22.08
N VAL B 728 -12.31 4.23 -21.95
CA VAL B 728 -13.50 3.34 -21.96
C VAL B 728 -13.60 2.64 -20.60
N LEU B 729 -14.75 2.77 -19.93
CA LEU B 729 -14.96 2.14 -18.61
C LEU B 729 -15.86 0.93 -18.78
N PHE B 730 -15.31 -0.29 -18.68
CA PHE B 730 -16.11 -1.52 -18.91
C PHE B 730 -16.58 -2.09 -17.59
N THR B 731 -17.34 -3.19 -17.67
CA THR B 731 -17.80 -3.87 -16.44
C THR B 731 -17.47 -5.34 -16.57
N SER B 732 -16.91 -5.74 -17.72
CA SER B 732 -16.62 -7.17 -17.96
C SER B 732 -15.14 -7.37 -18.26
N TYR B 733 -14.42 -8.04 -17.37
CA TYR B 733 -12.98 -8.36 -17.64
C TYR B 733 -12.88 -8.89 -19.05
N LYS B 734 -13.84 -9.73 -19.43
CA LYS B 734 -13.80 -10.33 -20.78
C LYS B 734 -13.89 -9.22 -21.83
N MET B 735 -14.88 -8.34 -21.72
CA MET B 735 -15.07 -7.27 -22.71
C MET B 735 -13.78 -6.45 -22.83
N MET B 736 -13.18 -6.09 -21.70
CA MET B 736 -11.97 -5.22 -21.73
C MET B 736 -10.89 -5.93 -22.56
N HIS B 737 -10.65 -7.21 -22.28
CA HIS B 737 -9.59 -7.96 -23.01
C HIS B 737 -10.01 -8.14 -24.47
N MET B 738 -11.30 -8.45 -24.68
CA MET B 738 -11.79 -8.67 -26.07
C MET B 738 -11.49 -7.43 -26.90
N VAL B 739 -11.85 -6.25 -26.40
CA VAL B 739 -11.68 -5.02 -27.22
C VAL B 739 -10.18 -4.76 -27.43
N GLN B 740 -9.36 -4.93 -26.39
CA GLN B 740 -7.92 -4.60 -26.53
C GLN B 740 -7.32 -5.50 -27.61
N ASP B 741 -7.71 -6.78 -27.63
CA ASP B 741 -7.19 -7.71 -28.66
C ASP B 741 -7.56 -7.14 -30.05
N MET B 742 -8.84 -6.79 -30.24
CA MET B 742 -9.28 -6.25 -31.54
C MET B 742 -8.52 -4.95 -31.84
N LEU B 743 -8.45 -4.03 -30.87
CA LEU B 743 -7.80 -2.73 -31.11
C LEU B 743 -6.36 -2.97 -31.59
N ASN B 744 -5.62 -3.86 -30.92
CA ASN B 744 -4.20 -4.08 -31.27
C ASN B 744 -4.09 -4.58 -32.71
N GLU B 745 -4.97 -5.51 -33.10
CA GLU B 745 -4.91 -6.10 -34.46
C GLU B 745 -5.29 -5.07 -35.53
N LEU B 746 -6.32 -4.25 -35.26
CA LEU B 746 -6.81 -3.30 -36.29
C LEU B 746 -5.70 -2.32 -36.69
N PRO B 747 -5.48 -2.07 -38.00
CA PRO B 747 -4.40 -1.20 -38.45
C PRO B 747 -4.63 0.26 -38.10
N GLU B 748 -5.87 0.64 -37.86
CA GLU B 748 -6.21 2.06 -37.56
C GLU B 748 -5.60 2.46 -36.21
N PHE B 749 -5.27 1.49 -35.36
CA PHE B 749 -4.78 1.82 -33.99
C PHE B 749 -3.27 1.77 -33.96
N GLU B 750 -2.63 1.70 -35.13
CA GLU B 750 -1.15 1.79 -35.16
C GLU B 750 -0.80 3.22 -34.72
N ASP B 751 0.30 3.42 -34.02
CA ASP B 751 0.61 4.78 -33.49
C ASP B 751 -0.50 5.17 -32.51
N TYR B 752 -1.03 4.20 -31.76
CA TYR B 752 -2.09 4.47 -30.75
C TYR B 752 -1.94 3.44 -29.64
N VAL B 753 -1.00 3.66 -28.71
CA VAL B 753 -0.74 2.65 -27.65
C VAL B 753 -2.01 2.43 -26.83
N VAL B 754 -2.50 1.19 -26.79
CA VAL B 754 -3.70 0.86 -25.97
C VAL B 754 -3.21 0.45 -24.57
N LEU B 755 -3.90 0.90 -23.52
CA LEU B 755 -3.51 0.55 -22.14
C LEU B 755 -4.69 -0.14 -21.45
N THR B 756 -4.41 -1.11 -20.59
CA THR B 756 -5.49 -1.84 -19.89
C THR B 756 -5.24 -1.80 -18.40
N GLN B 757 -6.20 -2.28 -17.61
CA GLN B 757 -6.07 -2.25 -16.13
C GLN B 757 -5.44 -3.56 -15.65
N GLN B 758 -4.49 -3.47 -14.72
CA GLN B 758 -3.87 -4.70 -14.14
C GLN B 758 -4.37 -4.85 -12.69
N GLN B 759 -4.25 -6.07 -12.13
CA GLN B 759 -4.78 -6.33 -10.77
C GLN B 759 -4.19 -5.30 -9.78
N ASN B 760 -2.86 -5.14 -9.78
CA ASN B 760 -2.20 -4.22 -8.83
C ASN B 760 -1.28 -3.26 -9.60
N GLN B 761 -0.73 -2.26 -8.91
CA GLN B 761 0.24 -1.34 -9.56
C GLN B 761 -0.37 -0.73 -10.84
N ASN B 762 -1.53 -0.07 -10.72
CA ASN B 762 -2.13 0.61 -11.89
C ASN B 762 -1.42 1.96 -12.08
N TYR B 763 -0.23 1.94 -12.68
CA TYR B 763 0.55 3.19 -12.91
C TYR B 763 0.51 3.53 -14.40
N LYS B 764 -0.29 2.78 -15.17
CA LYS B 764 -0.42 3.06 -16.63
C LYS B 764 -1.12 4.40 -16.83
N ILE B 765 -1.75 4.92 -15.77
CA ILE B 765 -2.48 6.21 -15.86
C ILE B 765 -1.48 7.29 -16.30
N VAL B 766 -0.26 7.24 -15.76
CA VAL B 766 0.77 8.25 -16.12
C VAL B 766 1.05 8.13 -17.63
N GLN B 767 1.12 6.90 -18.15
CA GLN B 767 1.45 6.70 -19.59
C GLN B 767 0.46 7.44 -20.49
N GLN B 768 -0.75 7.69 -20.00
CA GLN B 768 -1.79 8.34 -20.84
C GLN B 768 -1.24 9.67 -21.39
N PHE B 769 -0.53 10.44 -20.57
CA PHE B 769 0.01 11.76 -21.02
C PHE B 769 1.53 11.66 -21.17
N ASN B 770 2.06 10.44 -21.21
CA ASN B 770 3.53 10.24 -21.37
C ASN B 770 3.88 10.21 -22.86
N ASN B 771 3.90 11.38 -23.51
CA ASN B 771 4.25 11.49 -24.96
C ASN B 771 3.19 10.77 -25.79
N PHE B 772 2.06 10.41 -25.18
CA PHE B 772 0.96 9.72 -25.89
C PHE B 772 -0.26 10.64 -25.87
N ASP B 773 -0.01 11.95 -25.92
CA ASP B 773 -1.12 12.94 -25.83
C ASP B 773 -2.13 12.75 -26.97
N LYS B 774 -1.65 12.34 -28.15
CA LYS B 774 -2.58 12.23 -29.32
C LYS B 774 -2.89 10.76 -29.62
N ALA B 775 -2.37 9.83 -28.81
CA ALA B 775 -2.57 8.39 -29.12
C ALA B 775 -2.67 7.57 -27.84
N ILE B 776 -3.89 7.39 -27.31
CA ILE B 776 -4.09 6.61 -26.05
C ILE B 776 -5.52 6.04 -26.05
N LEU B 777 -5.68 4.79 -25.62
CA LEU B 777 -7.04 4.19 -25.50
C LEU B 777 -7.10 3.42 -24.17
N LEU B 778 -7.22 4.13 -23.04
CA LEU B 778 -7.19 3.44 -21.72
C LEU B 778 -8.49 2.66 -21.49
N GLY B 779 -8.39 1.35 -21.28
CA GLY B 779 -9.58 0.52 -20.98
C GLY B 779 -9.54 0.09 -19.53
N THR B 780 -10.58 0.38 -18.76
CA THR B 780 -10.56 0.07 -17.31
C THR B 780 -11.86 -0.56 -16.87
N SER B 781 -11.88 -1.13 -15.67
CA SER B 781 -13.11 -1.82 -15.17
C SER B 781 -13.70 -1.05 -13.98
N THR B 782 -12.88 -0.78 -12.95
CA THR B 782 -13.40 -0.10 -11.75
C THR B 782 -12.43 0.99 -11.34
N PHE B 783 -12.24 2.01 -12.17
CA PHE B 783 -11.37 3.17 -11.79
C PHE B 783 -12.19 4.44 -12.03
N PHE B 784 -13.52 4.31 -12.05
CA PHE B 784 -14.41 5.46 -12.35
C PHE B 784 -14.01 6.66 -11.47
N GLU B 785 -13.45 6.40 -10.29
CA GLU B 785 -12.98 7.50 -9.41
C GLU B 785 -11.46 7.39 -9.20
N GLY B 786 -10.77 8.53 -9.13
CA GLY B 786 -9.31 8.55 -8.87
C GLY B 786 -8.53 8.78 -10.15
N PHE B 787 -9.16 9.38 -11.17
CA PHE B 787 -8.47 9.58 -12.47
C PHE B 787 -8.51 11.05 -12.88
N ASP B 788 -7.37 11.58 -13.29
CA ASP B 788 -7.32 13.00 -13.79
C ASP B 788 -7.13 12.96 -15.31
N PHE B 789 -8.05 13.59 -16.05
CA PHE B 789 -7.97 13.60 -17.53
C PHE B 789 -7.38 14.92 -17.99
N GLN B 790 -6.06 14.94 -18.23
CA GLN B 790 -5.45 16.17 -18.78
C GLN B 790 -4.94 15.86 -20.20
N ALA B 791 -5.44 16.58 -21.20
CA ALA B 791 -5.06 16.30 -22.60
C ALA B 791 -5.10 17.59 -23.42
N ASN B 792 -4.25 17.66 -24.46
CA ASN B 792 -4.22 18.85 -25.34
C ASN B 792 -5.13 18.59 -26.55
N GLY B 793 -6.43 18.35 -26.29
CA GLY B 793 -7.38 18.07 -27.38
C GLY B 793 -8.72 17.61 -26.84
N ILE B 794 -9.61 17.17 -27.73
CA ILE B 794 -10.97 16.71 -27.32
C ILE B 794 -10.80 15.50 -26.38
N LYS B 795 -11.70 15.35 -25.41
CA LYS B 795 -11.64 14.19 -24.49
C LYS B 795 -12.90 13.34 -24.69
N CYS B 796 -12.74 12.01 -24.66
CA CYS B 796 -13.90 11.10 -24.86
C CYS B 796 -13.93 10.05 -23.75
N VAL B 797 -15.05 9.97 -23.03
CA VAL B 797 -15.21 8.90 -22.00
C VAL B 797 -16.35 8.01 -22.46
N MET B 798 -16.07 6.72 -22.71
CA MET B 798 -17.12 5.82 -23.23
C MET B 798 -17.59 4.88 -22.11
N ILE B 799 -18.87 4.96 -21.74
CA ILE B 799 -19.42 4.04 -20.70
C ILE B 799 -19.93 2.79 -21.42
N ALA B 800 -19.12 1.73 -21.48
CA ALA B 800 -19.50 0.51 -22.22
C ALA B 800 -20.85 -0.01 -21.71
N LYS B 801 -21.00 -0.10 -20.39
CA LYS B 801 -22.25 -0.66 -19.82
C LYS B 801 -22.51 0.00 -18.46
N LEU B 802 -23.78 0.16 -18.07
CA LEU B 802 -24.11 0.83 -16.80
C LEU B 802 -23.39 0.10 -15.65
N PRO B 803 -22.81 0.82 -14.66
CA PRO B 803 -22.02 0.16 -13.63
C PRO B 803 -22.84 -0.50 -12.53
N PHE B 804 -23.48 -1.63 -12.85
CA PHE B 804 -24.28 -2.38 -11.83
C PHE B 804 -23.42 -3.47 -11.20
N MET B 805 -23.89 -4.05 -10.10
CA MET B 805 -23.15 -5.15 -9.42
C MET B 805 -23.97 -6.43 -9.51
N ASN B 806 -23.31 -7.58 -9.66
CA ASN B 806 -24.02 -8.88 -9.78
C ASN B 806 -24.47 -9.33 -8.39
N LYS B 807 -25.52 -10.15 -8.32
CA LYS B 807 -26.05 -10.61 -7.02
C LYS B 807 -25.02 -11.55 -6.37
N HIS B 808 -23.99 -11.94 -7.11
CA HIS B 808 -22.96 -12.87 -6.58
C HIS B 808 -21.66 -12.09 -6.34
N ASN B 809 -21.78 -10.85 -5.86
CA ASN B 809 -20.58 -10.04 -5.53
C ASN B 809 -20.44 -10.03 -4.00
N ALA B 810 -19.21 -10.12 -3.50
CA ALA B 810 -19.01 -10.19 -2.03
C ALA B 810 -19.79 -9.05 -1.36
N LYS B 811 -19.76 -7.86 -1.96
CA LYS B 811 -20.44 -6.69 -1.36
C LYS B 811 -21.95 -6.99 -1.23
N TYR B 812 -22.58 -7.44 -2.31
CA TYR B 812 -24.04 -7.73 -2.27
C TYR B 812 -24.28 -8.82 -1.25
N TRP B 813 -23.41 -9.83 -1.23
CA TRP B 813 -23.59 -10.97 -0.32
C TRP B 813 -23.57 -10.51 1.13
N LEU B 814 -22.76 -9.51 1.45
CA LEU B 814 -22.62 -9.06 2.86
C LEU B 814 -23.56 -7.88 3.14
N MET B 815 -24.41 -7.50 2.19
CA MET B 815 -25.28 -6.31 2.37
C MET B 815 -26.76 -6.70 2.20
N ASP B 816 -27.04 -7.81 1.52
CA ASP B 816 -28.45 -8.19 1.24
C ASP B 816 -29.24 -8.27 2.55
N SER B 817 -28.60 -8.70 3.64
CA SER B 817 -29.32 -8.88 4.92
C SER B 817 -29.41 -7.55 5.68
N GLU B 818 -28.90 -6.47 5.09
CA GLU B 818 -28.88 -5.16 5.79
C GLU B 818 -29.81 -4.18 5.06
N PHE B 819 -30.43 -4.62 3.96
CA PHE B 819 -31.34 -3.75 3.18
C PHE B 819 -32.59 -4.53 2.83
N THR B 820 -33.76 -3.88 2.93
CA THR B 820 -35.04 -4.54 2.54
C THR B 820 -35.05 -4.71 1.04
N SER B 821 -34.74 -3.66 0.29
CA SER B 821 -34.64 -3.77 -1.19
C SER B 821 -33.21 -3.43 -1.60
N THR B 822 -32.31 -4.42 -1.58
CA THR B 822 -30.89 -4.15 -1.87
C THR B 822 -30.79 -3.40 -3.18
N PHE B 823 -31.59 -3.78 -4.19
CA PHE B 823 -31.48 -3.14 -5.52
C PHE B 823 -31.80 -1.67 -5.41
N LYS B 824 -32.94 -1.33 -4.80
CA LYS B 824 -33.40 0.09 -4.76
C LYS B 824 -32.67 0.86 -3.66
N GLU B 825 -32.10 0.17 -2.67
CA GLU B 825 -31.49 0.90 -1.52
C GLU B 825 -29.95 0.86 -1.61
N TYR B 826 -29.39 0.00 -2.47
CA TYR B 826 -27.90 -0.13 -2.51
C TYR B 826 -27.36 -0.19 -3.94
N VAL B 827 -27.62 -1.28 -4.66
CA VAL B 827 -27.00 -1.45 -6.00
C VAL B 827 -27.39 -0.28 -6.92
N LEU B 828 -28.66 0.09 -6.98
CA LEU B 828 -29.07 1.17 -7.92
C LEU B 828 -28.40 2.49 -7.52
N PRO B 829 -28.50 2.95 -6.25
CA PRO B 829 -27.80 4.15 -5.84
C PRO B 829 -26.32 4.06 -6.16
N ASP B 830 -25.72 2.89 -5.91
CA ASP B 830 -24.27 2.70 -6.16
C ASP B 830 -23.98 2.93 -7.64
N ALA B 831 -24.78 2.33 -8.52
CA ALA B 831 -24.54 2.47 -9.97
C ALA B 831 -24.59 3.95 -10.36
N VAL B 832 -25.58 4.67 -9.86
CA VAL B 832 -25.74 6.11 -10.21
C VAL B 832 -24.45 6.85 -9.78
N THR B 833 -23.99 6.61 -8.55
CA THR B 833 -22.79 7.32 -8.05
C THR B 833 -21.60 6.95 -8.90
N ARG B 834 -21.46 5.66 -9.24
CA ARG B 834 -20.31 5.20 -10.05
C ARG B 834 -20.39 5.82 -11.45
N PHE B 835 -21.57 5.84 -12.04
CA PHE B 835 -21.74 6.38 -13.42
C PHE B 835 -21.40 7.86 -13.41
N ARG B 836 -21.94 8.59 -12.44
CA ARG B 836 -21.73 10.06 -12.41
C ARG B 836 -20.25 10.36 -12.10
N GLN B 837 -19.57 9.41 -11.44
CA GLN B 837 -18.14 9.61 -11.10
C GLN B 837 -17.32 9.64 -12.40
N GLY B 838 -17.58 8.70 -13.30
CA GLY B 838 -16.87 8.66 -14.60
C GLY B 838 -17.21 9.88 -15.42
N LEU B 839 -18.46 10.33 -15.37
CA LEU B 839 -18.86 11.55 -16.11
C LEU B 839 -18.00 12.71 -15.63
N GLY B 840 -17.75 12.78 -14.31
CA GLY B 840 -16.92 13.87 -13.75
C GLY B 840 -15.47 13.70 -14.13
N ARG B 841 -15.11 12.54 -14.68
CA ARG B 841 -13.71 12.28 -15.06
C ARG B 841 -13.44 12.81 -16.48
N LEU B 842 -14.41 13.51 -17.07
CA LEU B 842 -14.23 14.08 -18.43
C LEU B 842 -13.80 15.54 -18.31
N ILE B 843 -14.52 16.35 -17.54
CA ILE B 843 -14.20 17.81 -17.48
C ILE B 843 -13.57 18.15 -16.12
N ARG B 844 -12.38 18.77 -16.14
CA ARG B 844 -11.74 19.23 -14.88
C ARG B 844 -11.34 20.70 -15.08
N ASN B 845 -11.00 21.07 -16.32
CA ASN B 845 -10.67 22.49 -16.64
C ASN B 845 -11.64 22.95 -17.72
N GLU B 846 -12.44 23.99 -17.44
CA GLU B 846 -13.47 24.44 -18.42
C GLU B 846 -12.80 25.07 -19.65
N ASN B 847 -11.47 25.14 -19.65
CA ASN B 847 -10.74 25.68 -20.84
C ASN B 847 -11.01 24.78 -22.04
N ASP B 848 -10.89 23.46 -21.87
CA ASP B 848 -11.06 22.52 -23.02
C ASP B 848 -12.45 21.86 -22.95
N ARG B 849 -12.82 21.12 -23.99
CA ARG B 849 -14.16 20.48 -24.04
C ARG B 849 -14.03 18.97 -24.26
N GLY B 850 -15.12 18.22 -24.12
CA GLY B 850 -15.06 16.75 -24.27
C GLY B 850 -16.42 16.16 -24.59
N ILE B 851 -16.45 14.86 -24.89
CA ILE B 851 -17.73 14.17 -25.24
C ILE B 851 -17.87 12.92 -24.37
N ILE B 852 -19.11 12.53 -24.09
CA ILE B 852 -19.32 11.27 -23.38
C ILE B 852 -20.21 10.39 -24.25
N VAL B 853 -19.80 9.14 -24.44
CA VAL B 853 -20.54 8.16 -25.23
C VAL B 853 -21.02 7.07 -24.29
N SER B 854 -22.30 6.76 -24.35
CA SER B 854 -22.90 5.73 -23.50
C SER B 854 -23.60 4.72 -24.40
N PHE B 855 -23.21 3.45 -24.30
CA PHE B 855 -23.76 2.42 -25.22
C PHE B 855 -24.96 1.69 -24.61
N ASP B 856 -25.01 1.56 -23.28
CA ASP B 856 -26.11 0.75 -22.67
C ASP B 856 -27.46 1.37 -23.03
N ASP B 857 -28.38 0.56 -23.56
CA ASP B 857 -29.71 1.07 -24.00
C ASP B 857 -30.61 1.29 -22.78
N ARG B 858 -30.30 0.63 -21.66
CA ARG B 858 -31.17 0.73 -20.46
C ARG B 858 -31.40 2.21 -20.11
N LEU B 859 -30.41 3.07 -20.42
CA LEU B 859 -30.52 4.51 -20.11
C LEU B 859 -31.74 5.09 -20.85
N ILE B 860 -32.22 4.42 -21.88
CA ILE B 860 -33.35 4.97 -22.69
C ILE B 860 -34.52 3.99 -22.71
N ASN B 861 -34.29 2.72 -22.35
CA ASN B 861 -35.40 1.72 -22.44
C ASN B 861 -35.51 0.87 -21.16
N SER B 862 -35.08 1.40 -20.01
CA SER B 862 -35.25 0.65 -18.74
C SER B 862 -36.13 1.45 -17.78
N ASN B 863 -36.72 0.78 -16.77
CA ASN B 863 -37.66 1.46 -15.83
C ASN B 863 -36.91 2.47 -14.97
N TYR B 864 -35.68 2.16 -14.54
CA TYR B 864 -34.95 3.06 -13.61
C TYR B 864 -34.24 4.17 -14.37
N LYS B 865 -34.46 4.27 -15.69
CA LYS B 865 -33.71 5.25 -16.49
C LYS B 865 -33.73 6.63 -15.80
N ASN B 866 -34.90 7.06 -15.30
CA ASN B 866 -35.00 8.39 -14.73
C ASN B 866 -33.82 8.69 -13.81
N PHE B 867 -33.43 7.68 -13.02
CA PHE B 867 -32.32 7.86 -12.09
C PHE B 867 -31.01 8.17 -12.79
N PHE B 868 -30.78 7.57 -13.97
CA PHE B 868 -29.54 7.79 -14.69
C PHE B 868 -29.57 9.07 -15.54
N GLU B 869 -30.68 9.35 -16.21
CA GLU B 869 -30.76 10.59 -16.98
C GLU B 869 -30.88 11.82 -16.10
N GLN B 870 -31.20 11.63 -14.82
CA GLN B 870 -31.04 12.72 -13.86
C GLN B 870 -29.60 13.19 -13.79
N THR B 871 -28.65 12.26 -13.93
CA THR B 871 -27.23 12.58 -13.87
C THR B 871 -26.71 13.28 -15.12
N LEU B 872 -27.55 13.46 -16.14
CA LEU B 872 -27.14 14.10 -17.39
C LEU B 872 -28.00 15.31 -17.72
N GLU B 873 -28.54 15.97 -16.68
CA GLU B 873 -29.49 17.05 -16.90
C GLU B 873 -28.82 18.33 -17.41
N ASN B 874 -27.60 18.57 -16.95
CA ASN B 874 -26.90 19.83 -17.32
C ASN B 874 -26.18 19.64 -18.65
N TYR B 875 -26.23 18.42 -19.18
CA TYR B 875 -25.49 18.12 -20.44
C TYR B 875 -26.47 18.13 -21.59
N ARG B 876 -25.95 18.31 -22.80
CA ARG B 876 -26.81 18.30 -24.01
C ARG B 876 -26.70 16.91 -24.65
N GLN B 877 -27.83 16.28 -24.97
CA GLN B 877 -27.77 14.88 -25.46
C GLN B 877 -28.16 14.77 -26.94
N LYS B 878 -27.56 13.81 -27.65
CA LYS B 878 -27.90 13.57 -29.08
C LYS B 878 -27.82 12.05 -29.30
N LYS B 879 -28.81 11.47 -29.99
CA LYS B 879 -28.78 10.01 -30.28
C LYS B 879 -28.86 9.81 -31.80
N GLY B 880 -28.12 8.85 -32.34
CA GLY B 880 -28.22 8.59 -33.78
C GLY B 880 -27.18 7.59 -34.27
N ASP B 881 -27.02 7.48 -35.58
CA ASP B 881 -26.06 6.51 -36.17
C ASP B 881 -24.64 7.05 -36.02
N ILE B 882 -23.65 6.21 -36.27
CA ILE B 882 -22.23 6.65 -36.18
C ILE B 882 -22.05 7.88 -37.08
N GLN B 883 -22.84 8.02 -38.16
CA GLN B 883 -22.60 9.20 -38.98
C GLN B 883 -22.92 10.48 -38.22
N GLN B 884 -24.04 10.51 -37.51
CA GLN B 884 -24.34 11.64 -36.64
C GLN B 884 -23.21 11.88 -35.65
N PHE B 885 -22.61 10.79 -35.14
CA PHE B 885 -21.47 10.90 -34.24
C PHE B 885 -20.27 11.50 -34.94
N GLY B 886 -20.02 11.12 -36.19
CA GLY B 886 -18.93 11.73 -36.93
C GLY B 886 -19.12 13.22 -37.11
N LYS B 887 -20.32 13.58 -37.56
CA LYS B 887 -20.62 15.01 -37.79
C LYS B 887 -20.42 15.77 -36.49
N LEU B 888 -20.92 15.22 -35.38
CA LEU B 888 -20.77 15.89 -34.05
C LEU B 888 -19.28 16.15 -33.78
N LEU B 889 -18.45 15.10 -33.82
CA LEU B 889 -17.02 15.25 -33.48
C LEU B 889 -16.40 16.37 -34.32
N ARG B 890 -16.63 16.35 -35.63
CA ARG B 890 -16.00 17.36 -36.52
C ARG B 890 -16.38 18.76 -36.00
N GLN B 891 -17.67 18.97 -35.72
CA GLN B 891 -18.12 20.31 -35.28
C GLN B 891 -17.31 20.73 -34.06
N ILE B 892 -17.20 19.85 -33.06
CA ILE B 892 -16.49 20.21 -31.81
C ILE B 892 -15.01 20.50 -32.14
N GLN B 893 -14.41 19.69 -32.99
CA GLN B 893 -12.98 19.87 -33.35
C GLN B 893 -12.82 21.17 -34.15
N LYS B 894 -13.80 21.51 -35.00
CA LYS B 894 -13.70 22.71 -35.86
C LYS B 894 -14.28 23.92 -35.14
N LYS B 895 -14.49 23.83 -33.82
CA LYS B 895 -15.01 24.98 -33.05
C LYS B 895 -13.95 26.09 -33.05
N LYS B 896 -12.71 25.79 -33.47
CA LYS B 896 -11.65 26.82 -33.55
C LYS B 896 -11.67 27.67 -32.27
#